data_9O8W
#
_entry.id   9O8W
#
_cell.length_a   90.131
_cell.length_b   95.770
_cell.length_c   92.805
_cell.angle_alpha   90.00
_cell.angle_beta   117.39
_cell.angle_gamma   90.00
#
_symmetry.space_group_name_H-M   'P 1 21 1'
#
loop_
_entity.id
_entity.type
_entity.pdbx_description
1 polymer 'Dual specificity protein phosphatase 10'
2 non-polymer 3,3-dimethyl-1-{[9-(methylsulfanyl)-5,6-dihydrothieno[3,4-h]quinazolin-2-yl]sulfanyl}butan-2-one
3 non-polymer 'SULFATE ION'
4 water water
#
_entity_poly.entity_id   1
_entity_poly.type   'polypeptide(L)'
_entity_poly.pdbx_seq_one_letter_code
;MAELTPILPFLFLGNEQDAQDLDTMQRLNIGYVINVTTHLPLYHYEKGLFNYKRLPATDSNKQNLRQYFEEAFEFIEEAH
QCGKGLLIHCQAGVSRSATIVIAYLMKHTRMTMTDAFKFVKGKRPIISPNLNFMGQLLEFEEDLNNGVT
;
_entity_poly.pdbx_strand_id   A,B,C,D,E,F
#
loop_
_chem_comp.id
_chem_comp.type
_chem_comp.name
_chem_comp.formula
CJA non-polymer 3,3-dimethyl-1-{[9-(methylsulfanyl)-5,6-dihydrothieno[3,4-h]quinazolin-2-yl]sulfanyl}butan-2-one 'C17 H20 N2 O S3'
SO4 non-polymer 'SULFATE ION' 'O4 S -2'
#
# COMPACT_ATOMS: atom_id res chain seq x y z
N ALA A 2 -22.18 25.65 26.71
CA ALA A 2 -22.32 25.05 25.38
C ALA A 2 -21.46 25.81 24.37
N GLU A 3 -20.16 25.52 24.36
CA GLU A 3 -19.24 26.21 23.48
C GLU A 3 -19.10 25.48 22.15
N LEU A 4 -19.41 26.19 21.06
CA LEU A 4 -19.07 25.78 19.71
C LEU A 4 -17.89 26.65 19.34
N THR A 5 -16.68 26.11 19.45
CA THR A 5 -15.47 26.91 19.28
C THR A 5 -15.29 27.33 17.82
N PRO A 6 -15.35 28.63 17.50
CA PRO A 6 -15.02 29.05 16.14
C PRO A 6 -13.52 28.93 15.89
N ILE A 7 -13.16 28.19 14.85
CA ILE A 7 -11.77 28.08 14.40
C ILE A 7 -11.50 29.02 13.26
N LEU A 8 -12.35 28.98 12.23
CA LEU A 8 -12.41 29.96 11.16
C LEU A 8 -13.82 30.57 11.23
N PRO A 9 -14.08 31.68 10.54
CA PRO A 9 -15.42 32.28 10.63
C PRO A 9 -16.53 31.34 10.20
N PHE A 10 -16.21 30.30 9.42
CA PHE A 10 -17.20 29.37 8.90
C PHE A 10 -16.97 27.94 9.35
N LEU A 11 -16.03 27.71 10.28
CA LEU A 11 -15.67 26.37 10.70
C LEU A 11 -15.62 26.33 12.23
N PHE A 12 -16.40 25.43 12.81
CA PHE A 12 -16.56 25.34 14.25
C PHE A 12 -16.28 23.91 14.73
N LEU A 13 -15.80 23.81 15.96
CA LEU A 13 -15.43 22.54 16.57
C LEU A 13 -16.13 22.40 17.91
N GLY A 14 -16.64 21.20 18.19
CA GLY A 14 -17.32 20.96 19.45
C GLY A 14 -17.33 19.50 19.79
N ASN A 15 -17.92 19.20 20.95
CA ASN A 15 -18.09 17.84 21.42
C ASN A 15 -19.56 17.43 21.25
N GLU A 16 -19.95 16.32 21.87
CA GLU A 16 -21.30 15.80 21.64
C GLU A 16 -22.36 16.75 22.20
N GLN A 17 -22.11 17.33 23.37
CA GLN A 17 -23.09 18.24 23.96
C GLN A 17 -23.19 19.55 23.20
N ASP A 18 -22.10 20.02 22.60
CA ASP A 18 -22.16 21.27 21.84
C ASP A 18 -23.02 21.11 20.60
N ALA A 19 -22.97 19.95 19.96
CA ALA A 19 -23.70 19.71 18.73
C ALA A 19 -25.21 19.64 18.94
N GLN A 20 -25.67 19.66 20.20
CA GLN A 20 -27.11 19.52 20.54
C GLN A 20 -27.77 20.88 20.77
N ASP A 21 -27.03 21.98 20.69
CA ASP A 21 -27.55 23.35 20.92
C ASP A 21 -28.01 23.95 19.59
N LEU A 22 -29.22 23.64 19.17
CA LEU A 22 -29.77 24.12 17.88
C LEU A 22 -29.75 25.64 17.85
N ASP A 23 -30.14 26.33 18.92
CA ASP A 23 -30.30 27.80 18.87
C ASP A 23 -28.96 28.48 18.61
N THR A 24 -27.85 27.93 19.09
CA THR A 24 -26.51 28.49 18.85
C THR A 24 -26.10 28.16 17.43
N MET A 25 -26.52 27.01 16.92
CA MET A 25 -26.18 26.61 15.53
C MET A 25 -26.78 27.65 14.60
N GLN A 26 -28.06 27.99 14.74
CA GLN A 26 -28.71 28.91 13.82
C GLN A 26 -28.23 30.34 14.02
N ARG A 27 -27.91 30.73 15.26
CA ARG A 27 -27.35 32.05 15.49
C ARG A 27 -26.06 32.24 14.70
N LEU A 28 -25.27 31.17 14.57
CA LEU A 28 -23.99 31.23 13.88
C LEU A 28 -24.10 30.86 12.41
N ASN A 29 -25.32 30.71 11.90
CA ASN A 29 -25.56 30.45 10.48
C ASN A 29 -24.85 29.18 10.03
N ILE A 30 -24.91 28.15 10.87
CA ILE A 30 -24.33 26.85 10.55
C ILE A 30 -25.39 26.04 9.82
N GLY A 31 -25.04 25.57 8.62
CA GLY A 31 -25.95 24.74 7.84
C GLY A 31 -25.37 23.38 7.49
N TYR A 32 -24.16 23.11 7.97
CA TYR A 32 -23.47 21.86 7.67
C TYR A 32 -22.93 21.27 8.96
N VAL A 33 -22.98 19.95 9.07
CA VAL A 33 -22.54 19.24 10.27
C VAL A 33 -21.79 17.99 9.85
N ILE A 34 -20.62 17.78 10.46
CA ILE A 34 -19.85 16.55 10.31
C ILE A 34 -19.83 15.86 11.66
N ASN A 35 -20.40 14.65 11.71
CA ASN A 35 -20.44 13.84 12.93
C ASN A 35 -19.37 12.77 12.78
N VAL A 36 -18.31 12.88 13.59
CA VAL A 36 -17.17 11.99 13.46
C VAL A 36 -17.25 10.88 14.50
N THR A 37 -18.39 10.19 14.54
CA THR A 37 -18.56 9.04 15.41
C THR A 37 -19.36 7.99 14.67
N THR A 38 -19.28 6.75 15.17
CA THR A 38 -20.10 5.68 14.63
C THR A 38 -21.46 5.59 15.31
N HIS A 39 -21.56 6.05 16.56
CA HIS A 39 -22.72 5.74 17.40
C HIS A 39 -23.58 6.92 17.77
N LEU A 40 -23.09 8.14 17.67
CA LEU A 40 -23.96 9.23 18.05
C LEU A 40 -24.99 9.50 16.96
N PRO A 41 -26.17 10.00 17.33
CA PRO A 41 -27.16 10.36 16.29
C PRO A 41 -26.71 11.60 15.55
N LEU A 42 -27.29 11.79 14.36
CA LEU A 42 -27.16 13.06 13.65
C LEU A 42 -28.18 14.01 14.26
N TYR A 43 -27.74 14.73 15.28
CA TYR A 43 -28.65 15.59 16.04
C TYR A 43 -29.38 16.54 15.10
N HIS A 44 -30.70 16.65 15.30
CA HIS A 44 -31.56 17.54 14.55
C HIS A 44 -31.78 17.10 13.11
N TYR A 45 -31.66 15.80 12.84
CA TYR A 45 -31.75 15.31 11.46
C TYR A 45 -33.15 15.51 10.89
N GLU A 46 -34.16 15.00 11.58
CA GLU A 46 -35.53 15.07 11.08
C GLU A 46 -36.06 16.50 10.97
N LYS A 47 -35.38 17.48 11.56
CA LYS A 47 -35.84 18.87 11.47
C LYS A 47 -35.59 19.50 10.11
N GLY A 48 -34.78 18.87 9.25
CA GLY A 48 -34.63 19.33 7.90
C GLY A 48 -33.87 20.64 7.74
N LEU A 49 -33.03 20.98 8.70
CA LEU A 49 -32.36 22.27 8.69
C LEU A 49 -30.93 22.21 8.17
N PHE A 50 -30.24 21.10 8.34
CA PHE A 50 -28.80 21.02 8.09
C PHE A 50 -28.46 19.91 7.11
N ASN A 51 -27.33 20.09 6.43
CA ASN A 51 -26.72 19.03 5.64
C ASN A 51 -25.73 18.26 6.51
N TYR A 52 -25.78 16.94 6.41
CA TYR A 52 -25.03 16.08 7.32
C TYR A 52 -24.03 15.22 6.56
N LYS A 53 -22.94 14.88 7.25
CA LYS A 53 -21.99 13.89 6.80
C LYS A 53 -21.46 13.17 8.02
N ARG A 54 -21.45 11.84 8.00
CA ARG A 54 -20.88 11.04 9.07
C ARG A 54 -19.56 10.46 8.60
N LEU A 55 -18.52 10.63 9.42
CA LEU A 55 -17.25 9.93 9.27
C LEU A 55 -17.23 8.87 10.35
N PRO A 56 -17.67 7.63 10.06
CA PRO A 56 -17.85 6.64 11.14
C PRO A 56 -16.53 6.17 11.73
N ALA A 57 -16.03 6.90 12.71
CA ALA A 57 -14.70 6.67 13.26
C ALA A 57 -14.78 6.51 14.77
N THR A 58 -13.94 5.62 15.30
CA THR A 58 -13.75 5.48 16.73
C THR A 58 -12.51 6.24 17.17
N ASP A 59 -12.45 6.54 18.46
CA ASP A 59 -11.28 7.22 19.05
C ASP A 59 -10.33 6.15 19.59
N SER A 60 -9.65 5.49 18.65
CA SER A 60 -8.79 4.36 18.96
C SER A 60 -7.42 4.56 18.34
N ASN A 61 -6.51 3.64 18.64
CA ASN A 61 -5.16 3.68 18.10
C ASN A 61 -5.03 2.98 16.75
N LYS A 62 -6.12 2.42 16.22
CA LYS A 62 -6.10 1.78 14.91
C LYS A 62 -7.00 2.49 13.91
N GLN A 63 -7.77 3.48 14.32
CA GLN A 63 -8.68 4.17 13.42
C GLN A 63 -7.89 4.97 12.38
N ASN A 64 -8.22 4.75 11.11
CA ASN A 64 -7.67 5.54 10.00
C ASN A 64 -8.60 6.73 9.76
N LEU A 65 -8.10 7.93 10.00
CA LEU A 65 -8.84 9.13 9.67
C LEU A 65 -8.38 9.80 8.39
N ARG A 66 -7.12 9.58 7.98
CA ARG A 66 -6.62 10.16 6.73
C ARG A 66 -7.57 9.86 5.57
N GLN A 67 -8.16 8.67 5.57
CA GLN A 67 -9.05 8.28 4.48
C GLN A 67 -10.22 9.25 4.33
N TYR A 68 -10.58 9.97 5.39
CA TYR A 68 -11.74 10.85 5.38
C TYR A 68 -11.39 12.31 5.12
N PHE A 69 -10.10 12.65 5.02
CA PHE A 69 -9.70 14.05 4.92
C PHE A 69 -10.31 14.71 3.69
N GLU A 70 -10.06 14.16 2.51
CA GLU A 70 -10.55 14.77 1.27
C GLU A 70 -12.06 14.96 1.31
N GLU A 71 -12.80 13.90 1.63
CA GLU A 71 -14.25 14.00 1.72
C GLU A 71 -14.67 15.12 2.68
N ALA A 72 -13.96 15.27 3.80
CA ALA A 72 -14.31 16.30 4.76
C ALA A 72 -13.99 17.68 4.23
N PHE A 73 -12.86 17.83 3.55
CA PHE A 73 -12.49 19.15 3.02
C PHE A 73 -13.52 19.61 2.00
N GLU A 74 -14.04 18.69 1.18
CA GLU A 74 -15.04 19.05 0.18
C GLU A 74 -16.33 19.54 0.84
N PHE A 75 -16.73 18.91 1.96
CA PHE A 75 -17.94 19.35 2.66
C PHE A 75 -17.74 20.72 3.30
N ILE A 76 -16.52 21.01 3.75
CA ILE A 76 -16.23 22.31 4.34
C ILE A 76 -16.28 23.39 3.26
N GLU A 77 -15.68 23.12 2.11
CA GLU A 77 -15.68 24.10 1.03
C GLU A 77 -17.07 24.28 0.42
N GLU A 78 -17.89 23.22 0.42
CA GLU A 78 -19.28 23.39 0.01
C GLU A 78 -20.00 24.38 0.90
N ALA A 79 -19.79 24.30 2.22
CA ALA A 79 -20.41 25.27 3.13
C ALA A 79 -19.81 26.65 2.92
N HIS A 80 -18.49 26.72 2.74
CA HIS A 80 -17.82 28.01 2.57
C HIS A 80 -18.28 28.70 1.29
N GLN A 81 -18.38 27.95 0.18
CA GLN A 81 -18.70 28.56 -1.10
C GLN A 81 -20.13 29.09 -1.16
N CYS A 82 -21.02 28.60 -0.29
CA CYS A 82 -22.40 29.07 -0.24
C CYS A 82 -22.66 29.97 0.96
N GLY A 83 -21.62 30.35 1.69
CA GLY A 83 -21.78 31.32 2.76
C GLY A 83 -22.41 30.77 4.02
N LYS A 84 -22.24 29.48 4.29
CA LYS A 84 -22.77 28.85 5.48
C LYS A 84 -21.64 28.31 6.36
N GLY A 85 -21.92 28.21 7.66
CA GLY A 85 -20.98 27.63 8.57
C GLY A 85 -21.11 26.12 8.65
N LEU A 86 -20.02 25.48 9.09
CA LEU A 86 -19.99 24.03 9.25
C LEU A 86 -19.51 23.71 10.65
N LEU A 87 -20.23 22.82 11.34
CA LEU A 87 -19.81 22.30 12.63
C LEU A 87 -19.26 20.89 12.45
N ILE A 88 -18.10 20.64 13.03
CA ILE A 88 -17.50 19.32 13.08
C ILE A 88 -17.34 18.94 14.55
N HIS A 89 -17.88 17.78 14.94
CA HIS A 89 -17.90 17.39 16.34
C HIS A 89 -17.68 15.88 16.45
N CYS A 90 -17.22 15.47 17.63
CA CYS A 90 -17.21 14.07 18.03
C CYS A 90 -17.69 13.99 19.46
N GLN A 91 -16.79 13.69 20.40
CA GLN A 91 -17.16 13.64 21.81
C GLN A 91 -16.17 14.43 22.68
N ALA A 92 -16.33 14.33 24.00
CA ALA A 92 -15.42 15.03 24.91
C ALA A 92 -13.98 14.65 24.61
N GLY A 93 -13.11 15.65 24.62
CA GLY A 93 -11.74 15.49 24.19
C GLY A 93 -11.49 15.83 22.75
N VAL A 94 -12.51 15.74 21.89
CA VAL A 94 -12.49 16.30 20.54
C VAL A 94 -11.31 15.75 19.74
N SER A 95 -10.85 14.56 20.11
CA SER A 95 -9.66 14.00 19.48
C SER A 95 -9.90 13.79 17.98
N ARG A 96 -11.03 13.19 17.62
CA ARG A 96 -11.29 12.90 16.21
C ARG A 96 -11.56 14.18 15.42
N SER A 97 -12.46 15.03 15.92
CA SER A 97 -12.83 16.22 15.17
C SER A 97 -11.68 17.22 15.09
N ALA A 98 -10.88 17.33 16.16
CA ALA A 98 -9.74 18.23 16.13
C ALA A 98 -8.74 17.80 15.06
N THR A 99 -8.57 16.48 14.88
CA THR A 99 -7.66 15.99 13.85
C THR A 99 -8.08 16.47 12.46
N ILE A 100 -9.38 16.41 12.16
CA ILE A 100 -9.84 16.83 10.84
C ILE A 100 -9.74 18.33 10.69
N VAL A 101 -10.09 19.08 11.73
CA VAL A 101 -9.96 20.53 11.67
C VAL A 101 -8.52 20.92 11.40
N ILE A 102 -7.58 20.33 12.14
CA ILE A 102 -6.17 20.65 11.96
C ILE A 102 -5.73 20.30 10.55
N ALA A 103 -6.17 19.14 10.04
CA ALA A 103 -5.80 18.74 8.69
C ALA A 103 -6.28 19.75 7.66
N TYR A 104 -7.49 20.28 7.84
CA TYR A 104 -7.99 21.28 6.91
C TYR A 104 -7.14 22.55 6.97
N LEU A 105 -6.81 23.03 8.18
CA LEU A 105 -5.97 24.22 8.28
C LEU A 105 -4.61 24.00 7.65
N MET A 106 -4.07 22.79 7.75
CA MET A 106 -2.77 22.53 7.14
C MET A 106 -2.82 22.66 5.63
N LYS A 107 -3.93 22.27 5.00
CA LYS A 107 -4.01 22.24 3.55
C LYS A 107 -4.40 23.59 2.95
N HIS A 108 -5.38 24.29 3.53
CA HIS A 108 -5.88 25.51 2.92
C HIS A 108 -5.49 26.77 3.68
N THR A 109 -4.81 26.64 4.81
CA THR A 109 -4.20 27.77 5.48
C THR A 109 -2.69 27.71 5.40
N ARG A 110 -2.14 26.62 4.84
CA ARG A 110 -0.70 26.46 4.57
C ARG A 110 0.13 26.48 5.86
N MET A 111 -0.49 26.08 6.96
CA MET A 111 0.21 25.96 8.23
C MET A 111 0.88 24.59 8.33
N THR A 112 1.90 24.52 9.17
CA THR A 112 2.49 23.23 9.52
C THR A 112 1.59 22.50 10.52
N MET A 113 1.86 21.21 10.69
CA MET A 113 1.10 20.39 11.64
C MET A 113 1.07 21.04 13.01
N THR A 114 2.24 21.40 13.54
CA THR A 114 2.29 21.94 14.89
C THR A 114 1.68 23.33 14.96
N ASP A 115 1.89 24.15 13.92
CA ASP A 115 1.28 25.47 13.90
C ASP A 115 -0.24 25.37 13.93
N ALA A 116 -0.81 24.45 13.14
CA ALA A 116 -2.26 24.27 13.16
C ALA A 116 -2.72 23.76 14.53
N PHE A 117 -1.97 22.84 15.12
CA PHE A 117 -2.33 22.34 16.45
C PHE A 117 -2.28 23.45 17.49
N LYS A 118 -1.27 24.31 17.41
CA LYS A 118 -1.14 25.40 18.37
C LYS A 118 -2.27 26.42 18.17
N PHE A 119 -2.65 26.64 16.92
CA PHE A 119 -3.77 27.53 16.62
C PHE A 119 -5.07 27.01 17.18
N VAL A 120 -5.33 25.71 17.04
CA VAL A 120 -6.58 25.16 17.55
C VAL A 120 -6.57 25.13 19.08
N LYS A 121 -5.45 24.74 19.68
CA LYS A 121 -5.40 24.64 21.13
C LYS A 121 -5.63 25.99 21.79
N GLY A 122 -5.19 27.09 21.15
CA GLY A 122 -5.44 28.40 21.71
C GLY A 122 -6.92 28.72 21.82
N LYS A 123 -7.74 28.22 20.89
CA LYS A 123 -9.16 28.50 20.87
C LYS A 123 -9.96 27.47 21.66
N ARG A 124 -9.62 26.19 21.55
CA ARG A 124 -10.20 25.16 22.42
C ARG A 124 -9.07 24.56 23.25
N PRO A 125 -8.91 24.96 24.51
CA PRO A 125 -7.71 24.54 25.24
C PRO A 125 -7.70 23.07 25.64
N ILE A 126 -8.85 22.40 25.61
CA ILE A 126 -8.94 21.03 26.12
C ILE A 126 -9.04 20.06 24.95
N ILE A 127 -7.89 19.62 24.44
CA ILE A 127 -7.82 18.62 23.38
C ILE A 127 -7.17 17.36 23.93
N SER A 128 -7.92 16.26 23.92
CA SER A 128 -7.37 14.98 24.38
C SER A 128 -6.43 14.40 23.31
N PRO A 129 -5.26 13.91 23.70
CA PRO A 129 -4.30 13.41 22.72
C PRO A 129 -4.50 11.95 22.35
N ASN A 130 -4.04 11.62 21.15
CA ASN A 130 -4.01 10.24 20.68
C ASN A 130 -2.92 10.16 19.62
N LEU A 131 -1.85 9.40 19.91
CA LEU A 131 -0.67 9.44 19.05
C LEU A 131 -0.95 8.89 17.66
N ASN A 132 -1.93 7.99 17.53
CA ASN A 132 -2.24 7.41 16.23
C ASN A 132 -2.66 8.47 15.23
N PHE A 133 -3.53 9.40 15.64
CA PHE A 133 -3.95 10.47 14.72
C PHE A 133 -2.78 11.41 14.43
N MET A 134 -1.97 11.72 15.45
CA MET A 134 -0.82 12.60 15.24
C MET A 134 0.09 12.06 14.15
N GLY A 135 0.33 10.75 14.15
CA GLY A 135 1.17 10.17 13.11
C GLY A 135 0.57 10.31 11.73
N GLN A 136 -0.76 10.20 11.64
CA GLN A 136 -1.42 10.38 10.34
C GLN A 136 -1.29 11.81 9.85
N LEU A 137 -1.34 12.78 10.76
CA LEU A 137 -1.12 14.17 10.36
C LEU A 137 0.32 14.40 9.90
N LEU A 138 1.28 13.71 10.51
CA LEU A 138 2.66 13.83 10.08
C LEU A 138 2.82 13.31 8.65
N GLU A 139 2.28 12.13 8.39
CA GLU A 139 2.31 11.61 7.02
C GLU A 139 1.59 12.56 6.07
N PHE A 140 0.51 13.19 6.54
CA PHE A 140 -0.25 14.13 5.72
C PHE A 140 0.59 15.35 5.38
N GLU A 141 1.40 15.83 6.34
CA GLU A 141 2.26 16.98 6.07
C GLU A 141 3.19 16.71 4.89
N GLU A 142 3.76 15.51 4.82
CA GLU A 142 4.68 15.18 3.74
C GLU A 142 3.95 15.14 2.40
N ASP A 143 2.83 14.42 2.33
CA ASP A 143 2.02 14.39 1.12
C ASP A 143 1.68 15.79 0.64
N LEU A 144 1.52 16.75 1.55
CA LEU A 144 1.27 18.14 1.16
C LEU A 144 2.54 18.78 0.61
N ASN A 145 3.64 18.71 1.38
CA ASN A 145 4.89 19.35 0.97
C ASN A 145 5.43 18.79 -0.35
N ASN A 146 4.90 17.67 -0.83
CA ASN A 146 5.30 17.13 -2.11
C ASN A 146 4.11 17.12 -3.06
N GLY A 147 3.42 18.24 -3.16
CA GLY A 147 2.25 18.35 -4.01
C GLY A 147 1.86 19.81 -4.18
N VAL A 148 0.68 20.01 -4.77
CA VAL A 148 0.20 21.35 -5.09
C VAL A 148 -0.75 21.82 -4.00
N THR A 149 -0.75 23.13 -3.77
CA THR A 149 -1.53 23.77 -2.72
C THR A 149 -1.55 22.94 -1.43
N ALA B 2 -45.02 -3.93 20.50
CA ALA B 2 -43.90 -3.05 20.76
C ALA B 2 -42.66 -3.87 21.09
N GLU B 3 -42.34 -4.86 20.26
CA GLU B 3 -41.19 -5.71 20.51
C GLU B 3 -40.50 -6.03 19.20
N LEU B 4 -39.58 -7.00 19.26
CA LEU B 4 -38.79 -7.43 18.12
C LEU B 4 -39.34 -8.71 17.50
N THR B 5 -39.84 -8.62 16.29
CA THR B 5 -40.44 -9.76 15.61
C THR B 5 -39.37 -10.79 15.29
N PRO B 6 -39.42 -12.00 15.86
CA PRO B 6 -38.45 -13.03 15.46
C PRO B 6 -38.74 -13.56 14.05
N ILE B 7 -37.72 -13.54 13.21
CA ILE B 7 -37.83 -14.06 11.85
C ILE B 7 -37.23 -15.47 11.77
N LEU B 8 -35.97 -15.60 12.17
CA LEU B 8 -35.31 -16.88 12.36
C LEU B 8 -34.86 -16.94 13.82
N PRO B 9 -34.46 -18.09 14.35
CA PRO B 9 -34.07 -18.15 15.77
C PRO B 9 -32.92 -17.23 16.10
N PHE B 10 -32.13 -16.81 15.11
CA PHE B 10 -30.97 -15.97 15.32
C PHE B 10 -31.10 -14.62 14.61
N LEU B 11 -32.27 -14.32 14.06
CA LEU B 11 -32.48 -13.10 13.28
C LEU B 11 -33.79 -12.45 13.68
N PHE B 12 -33.71 -11.19 14.11
CA PHE B 12 -34.86 -10.44 14.61
C PHE B 12 -34.97 -9.13 13.85
N LEU B 13 -36.19 -8.65 13.70
CA LEU B 13 -36.49 -7.43 12.96
C LEU B 13 -37.35 -6.50 13.80
N GLY B 14 -37.03 -5.22 13.78
CA GLY B 14 -37.77 -4.24 14.55
C GLY B 14 -37.61 -2.83 14.00
N ASN B 15 -38.25 -1.89 14.69
CA ASN B 15 -38.16 -0.46 14.39
C ASN B 15 -37.29 0.22 15.45
N GLU B 16 -37.31 1.56 15.46
CA GLU B 16 -36.42 2.31 16.34
C GLU B 16 -36.78 2.14 17.81
N GLN B 17 -38.08 2.14 18.14
CA GLN B 17 -38.46 1.97 19.53
C GLN B 17 -38.16 0.55 20.01
N ASP B 18 -38.23 -0.42 19.11
CA ASP B 18 -37.92 -1.81 19.48
C ASP B 18 -36.44 -1.98 19.81
N ALA B 19 -35.57 -1.27 19.08
CA ALA B 19 -34.13 -1.42 19.31
C ALA B 19 -33.66 -0.82 20.62
N GLN B 20 -34.53 -0.12 21.35
CA GLN B 20 -34.15 0.54 22.61
C GLN B 20 -34.48 -0.30 23.83
N ASP B 21 -35.14 -1.45 23.66
CA ASP B 21 -35.56 -2.29 24.78
C ASP B 21 -34.42 -3.23 25.13
N LEU B 22 -33.55 -2.78 26.04
CA LEU B 22 -32.38 -3.58 26.40
C LEU B 22 -32.79 -4.91 27.02
N ASP B 23 -33.79 -4.89 27.91
CA ASP B 23 -34.17 -6.12 28.60
C ASP B 23 -34.57 -7.21 27.62
N THR B 24 -35.36 -6.86 26.60
CA THR B 24 -35.79 -7.86 25.64
C THR B 24 -34.64 -8.37 24.79
N MET B 25 -33.68 -7.50 24.47
CA MET B 25 -32.54 -7.93 23.67
C MET B 25 -31.71 -8.97 24.41
N GLN B 26 -31.52 -8.79 25.72
CA GLN B 26 -30.72 -9.73 26.49
C GLN B 26 -31.51 -11.02 26.77
N ARG B 27 -32.82 -10.92 26.93
CA ARG B 27 -33.64 -12.11 27.11
C ARG B 27 -33.50 -13.05 25.91
N LEU B 28 -33.41 -12.50 24.71
CA LEU B 28 -33.36 -13.29 23.49
C LEU B 28 -31.94 -13.59 23.02
N ASN B 29 -30.93 -13.28 23.84
CA ASN B 29 -29.54 -13.61 23.52
C ASN B 29 -29.08 -12.92 22.24
N ILE B 30 -29.46 -11.65 22.09
CA ILE B 30 -29.04 -10.86 20.93
C ILE B 30 -27.69 -10.23 21.27
N GLY B 31 -26.69 -10.46 20.43
CA GLY B 31 -25.38 -9.89 20.65
C GLY B 31 -24.90 -9.06 19.48
N TYR B 32 -25.74 -8.93 18.45
CA TYR B 32 -25.41 -8.21 17.24
C TYR B 32 -26.56 -7.30 16.86
N VAL B 33 -26.24 -6.12 16.32
CA VAL B 33 -27.24 -5.14 15.93
C VAL B 33 -26.83 -4.54 14.60
N ILE B 34 -27.77 -4.46 13.67
CA ILE B 34 -27.60 -3.76 12.40
C ILE B 34 -28.57 -2.58 12.40
N ASN B 35 -28.01 -1.37 12.32
CA ASN B 35 -28.79 -0.13 12.29
C ASN B 35 -28.82 0.37 10.85
N VAL B 36 -29.99 0.32 10.22
CA VAL B 36 -30.10 0.69 8.82
C VAL B 36 -30.64 2.11 8.69
N THR B 37 -29.99 3.05 9.37
CA THR B 37 -30.32 4.46 9.26
C THR B 37 -29.02 5.26 9.29
N THR B 38 -29.10 6.49 8.80
CA THR B 38 -27.96 7.40 8.86
C THR B 38 -27.93 8.22 10.14
N HIS B 39 -29.09 8.46 10.75
CA HIS B 39 -29.22 9.48 11.78
C HIS B 39 -29.54 8.96 13.17
N LEU B 40 -30.01 7.74 13.29
CA LEU B 40 -30.31 7.23 14.63
C LEU B 40 -29.03 6.84 15.35
N PRO B 41 -29.01 6.91 16.67
CA PRO B 41 -27.84 6.44 17.41
C PRO B 41 -27.75 4.92 17.40
N LEU B 42 -26.55 4.41 17.64
CA LEU B 42 -26.36 2.99 17.90
C LEU B 42 -26.74 2.79 19.36
N TYR B 43 -28.02 2.50 19.59
CA TYR B 43 -28.54 2.42 20.95
C TYR B 43 -27.70 1.45 21.78
N HIS B 44 -27.33 1.89 22.99
CA HIS B 44 -26.60 1.08 23.96
C HIS B 44 -25.15 0.85 23.53
N TYR B 45 -24.59 1.75 22.72
CA TYR B 45 -23.23 1.55 22.22
C TYR B 45 -22.22 1.62 23.34
N GLU B 46 -22.25 2.69 24.14
CA GLU B 46 -21.28 2.89 25.19
C GLU B 46 -21.36 1.83 26.29
N LYS B 47 -22.39 0.98 26.34
CA LYS B 47 -22.57 -0.08 27.37
C LYS B 47 -21.67 -1.28 27.08
N GLY B 48 -21.06 -1.34 25.91
CA GLY B 48 -20.08 -2.38 25.59
C GLY B 48 -20.62 -3.77 25.77
N LEU B 49 -21.80 -4.05 25.23
CA LEU B 49 -22.45 -5.37 25.31
C LEU B 49 -22.71 -5.98 23.94
N PHE B 50 -22.71 -5.17 22.87
CA PHE B 50 -23.11 -5.66 21.53
C PHE B 50 -22.17 -5.28 20.41
N ASN B 51 -22.05 -6.09 19.37
CA ASN B 51 -21.34 -5.74 18.15
C ASN B 51 -22.32 -5.04 17.21
N TYR B 52 -21.88 -3.93 16.63
CA TYR B 52 -22.76 -3.07 15.85
C TYR B 52 -22.30 -2.95 14.41
N LYS B 53 -23.26 -2.70 13.52
CA LYS B 53 -22.95 -2.32 12.14
C LYS B 53 -24.02 -1.34 11.69
N ARG B 54 -23.59 -0.21 11.12
CA ARG B 54 -24.51 0.76 10.55
C ARG B 54 -24.49 0.65 9.03
N LEU B 55 -25.67 0.54 8.44
CA LEU B 55 -25.86 0.67 6.99
C LEU B 55 -26.51 2.03 6.76
N PRO B 56 -25.73 3.09 6.52
CA PRO B 56 -26.30 4.45 6.52
C PRO B 56 -27.19 4.70 5.31
N ALA B 57 -28.47 4.35 5.44
CA ALA B 57 -29.41 4.38 4.34
C ALA B 57 -30.64 5.19 4.73
N THR B 58 -31.20 5.91 3.75
CA THR B 58 -32.46 6.61 3.90
C THR B 58 -33.59 5.79 3.28
N ASP B 59 -34.81 6.10 3.70
CA ASP B 59 -36.01 5.45 3.17
C ASP B 59 -36.56 6.29 2.02
N SER B 60 -35.85 6.20 0.89
CA SER B 60 -36.11 7.05 -0.27
C SER B 60 -36.30 6.20 -1.52
N ASN B 61 -36.62 6.87 -2.62
CA ASN B 61 -36.79 6.21 -3.91
C ASN B 61 -35.48 6.09 -4.68
N LYS B 62 -34.39 6.63 -4.15
CA LYS B 62 -33.08 6.53 -4.77
C LYS B 62 -32.06 5.79 -3.93
N GLN B 63 -32.39 5.42 -2.70
CA GLN B 63 -31.43 4.74 -1.84
C GLN B 63 -31.08 3.37 -2.41
N ASN B 64 -29.78 3.13 -2.57
CA ASN B 64 -29.27 1.82 -2.98
C ASN B 64 -29.03 0.99 -1.73
N LEU B 65 -29.80 -0.07 -1.56
CA LEU B 65 -29.57 -1.02 -0.47
C LEU B 65 -28.85 -2.28 -0.92
N ARG B 66 -28.92 -2.62 -2.21
CA ARG B 66 -28.24 -3.80 -2.72
C ARG B 66 -26.76 -3.80 -2.33
N GLN B 67 -26.15 -2.63 -2.31
CA GLN B 67 -24.73 -2.55 -1.99
C GLN B 67 -24.39 -3.12 -0.62
N TYR B 68 -25.36 -3.14 0.30
CA TYR B 68 -25.11 -3.56 1.67
C TYR B 68 -25.48 -5.01 1.95
N PHE B 69 -26.05 -5.73 0.97
CA PHE B 69 -26.55 -7.07 1.23
C PHE B 69 -25.45 -8.00 1.71
N GLU B 70 -24.38 -8.15 0.93
CA GLU B 70 -23.30 -9.05 1.31
C GLU B 70 -22.74 -8.68 2.68
N GLU B 71 -22.42 -7.39 2.88
CA GLU B 71 -21.92 -6.94 4.18
C GLU B 71 -22.86 -7.35 5.31
N ALA B 72 -24.17 -7.24 5.08
CA ALA B 72 -25.13 -7.60 6.12
C ALA B 72 -25.17 -9.10 6.33
N PHE B 73 -25.09 -9.88 5.25
CA PHE B 73 -25.16 -11.32 5.39
C PHE B 73 -24.00 -11.86 6.21
N GLU B 74 -22.80 -11.29 6.03
CA GLU B 74 -21.66 -11.75 6.80
C GLU B 74 -21.84 -11.46 8.29
N PHE B 75 -22.44 -10.32 8.62
CA PHE B 75 -22.67 -9.98 10.02
C PHE B 75 -23.72 -10.89 10.64
N ILE B 76 -24.73 -11.27 9.86
CA ILE B 76 -25.74 -12.18 10.39
C ILE B 76 -25.14 -13.55 10.64
N GLU B 77 -24.31 -14.02 9.70
CA GLU B 77 -23.68 -15.34 9.85
C GLU B 77 -22.65 -15.34 10.97
N GLU B 78 -22.00 -14.21 11.23
CA GLU B 78 -21.10 -14.12 12.37
C GLU B 78 -21.85 -14.38 13.67
N ALA B 79 -23.05 -13.82 13.81
CA ALA B 79 -23.87 -14.09 14.99
C ALA B 79 -24.31 -15.54 15.02
N HIS B 80 -24.66 -16.09 13.86
CA HIS B 80 -25.11 -17.48 13.79
C HIS B 80 -23.99 -18.43 14.24
N GLN B 81 -22.76 -18.20 13.78
CA GLN B 81 -21.67 -19.11 14.08
C GLN B 81 -21.24 -19.06 15.54
N CYS B 82 -21.54 -17.98 16.26
CA CYS B 82 -21.19 -17.85 17.66
C CYS B 82 -22.38 -18.02 18.58
N GLY B 83 -23.53 -18.41 18.04
CA GLY B 83 -24.67 -18.73 18.87
C GLY B 83 -25.36 -17.52 19.46
N LYS B 84 -25.27 -16.38 18.80
CA LYS B 84 -25.89 -15.16 19.26
C LYS B 84 -26.96 -14.71 18.27
N GLY B 85 -27.95 -14.00 18.78
CA GLY B 85 -28.97 -13.43 17.93
C GLY B 85 -28.55 -12.09 17.37
N LEU B 86 -29.20 -11.70 16.27
CA LEU B 86 -28.94 -10.41 15.64
C LEU B 86 -30.25 -9.68 15.45
N LEU B 87 -30.28 -8.42 15.86
CA LEU B 87 -31.40 -7.53 15.60
C LEU B 87 -31.04 -6.60 14.46
N ILE B 88 -31.93 -6.50 13.48
CA ILE B 88 -31.80 -5.56 12.37
C ILE B 88 -33.01 -4.66 12.40
N HIS B 89 -32.78 -3.34 12.44
CA HIS B 89 -33.85 -2.38 12.61
C HIS B 89 -33.57 -1.12 11.81
N CYS B 90 -34.64 -0.38 11.53
CA CYS B 90 -34.55 0.98 11.01
C CYS B 90 -35.54 1.85 11.78
N GLN B 91 -36.65 2.24 11.13
CA GLN B 91 -37.68 3.03 11.79
C GLN B 91 -39.07 2.44 11.54
N ALA B 92 -40.11 3.13 11.98
CA ALA B 92 -41.48 2.65 11.78
C ALA B 92 -41.74 2.36 10.31
N GLY B 93 -42.42 1.25 10.05
CA GLY B 93 -42.62 0.75 8.71
C GLY B 93 -41.59 -0.27 8.27
N VAL B 94 -40.39 -0.25 8.88
CA VAL B 94 -39.41 -1.32 8.75
C VAL B 94 -39.08 -1.63 7.29
N SER B 95 -39.25 -0.62 6.44
CA SER B 95 -39.05 -0.83 5.01
C SER B 95 -37.60 -1.19 4.70
N ARG B 96 -36.65 -0.45 5.29
CA ARG B 96 -35.25 -0.69 5.00
C ARG B 96 -34.78 -2.03 5.55
N SER B 97 -35.04 -2.29 6.83
CA SER B 97 -34.53 -3.52 7.44
C SER B 97 -35.23 -4.75 6.87
N ALA B 98 -36.53 -4.64 6.59
CA ALA B 98 -37.25 -5.77 6.00
C ALA B 98 -36.67 -6.13 4.63
N THR B 99 -36.24 -5.13 3.86
CA THR B 99 -35.63 -5.42 2.56
C THR B 99 -34.41 -6.32 2.72
N ILE B 100 -33.57 -6.02 3.70
CA ILE B 100 -32.35 -6.80 3.90
C ILE B 100 -32.68 -8.19 4.42
N VAL B 101 -33.63 -8.27 5.35
CA VAL B 101 -34.03 -9.58 5.86
C VAL B 101 -34.55 -10.44 4.72
N ILE B 102 -35.42 -9.89 3.88
CA ILE B 102 -35.98 -10.65 2.76
C ILE B 102 -34.86 -11.11 1.83
N ALA B 103 -33.91 -10.23 1.54
CA ALA B 103 -32.79 -10.62 0.68
C ALA B 103 -31.99 -11.75 1.30
N TYR B 104 -31.80 -11.72 2.62
CA TYR B 104 -31.06 -12.79 3.28
C TYR B 104 -31.79 -14.13 3.13
N LEU B 105 -33.12 -14.12 3.33
CA LEU B 105 -33.87 -15.36 3.17
C LEU B 105 -33.79 -15.87 1.73
N MET B 106 -33.73 -14.96 0.75
CA MET B 106 -33.65 -15.40 -0.64
C MET B 106 -32.31 -16.08 -0.92
N LYS B 107 -31.23 -15.59 -0.32
CA LYS B 107 -29.91 -16.10 -0.65
C LYS B 107 -29.52 -17.31 0.19
N HIS B 108 -29.80 -17.29 1.49
CA HIS B 108 -29.30 -18.32 2.40
C HIS B 108 -30.40 -19.25 2.92
N THR B 109 -31.66 -19.02 2.57
CA THR B 109 -32.73 -19.96 2.87
C THR B 109 -33.36 -20.57 1.62
N ARG B 110 -32.95 -20.11 0.43
CA ARG B 110 -33.46 -20.66 -0.83
C ARG B 110 -34.93 -20.32 -1.07
N MET B 111 -35.41 -19.20 -0.52
CA MET B 111 -36.75 -18.75 -0.80
C MET B 111 -36.77 -17.87 -2.05
N THR B 112 -37.92 -17.82 -2.71
CA THR B 112 -38.11 -16.81 -3.75
C THR B 112 -38.42 -15.47 -3.10
N MET B 113 -38.31 -14.40 -3.89
CA MET B 113 -38.61 -13.07 -3.37
C MET B 113 -40.01 -13.02 -2.77
N THR B 114 -41.01 -13.49 -3.52
CA THR B 114 -42.40 -13.38 -3.05
C THR B 114 -42.65 -14.31 -1.85
N ASP B 115 -42.06 -15.51 -1.87
CA ASP B 115 -42.18 -16.40 -0.72
C ASP B 115 -41.56 -15.78 0.52
N ALA B 116 -40.37 -15.19 0.37
CA ALA B 116 -39.71 -14.56 1.51
C ALA B 116 -40.51 -13.38 2.04
N PHE B 117 -41.12 -12.59 1.14
CA PHE B 117 -41.95 -11.47 1.56
C PHE B 117 -43.15 -11.95 2.37
N LYS B 118 -43.79 -13.04 1.94
CA LYS B 118 -44.95 -13.55 2.66
C LYS B 118 -44.54 -14.17 4.00
N PHE B 119 -43.39 -14.82 4.06
CA PHE B 119 -42.89 -15.32 5.34
C PHE B 119 -42.65 -14.18 6.31
N VAL B 120 -42.04 -13.09 5.83
CA VAL B 120 -41.75 -11.95 6.70
C VAL B 120 -43.04 -11.21 7.05
N LYS B 121 -43.90 -10.98 6.07
CA LYS B 121 -45.14 -10.26 6.35
C LYS B 121 -46.03 -11.05 7.31
N GLY B 122 -45.97 -12.37 7.25
CA GLY B 122 -46.73 -13.18 8.19
C GLY B 122 -46.32 -12.96 9.62
N LYS B 123 -45.04 -12.70 9.87
CA LYS B 123 -44.54 -12.52 11.23
C LYS B 123 -44.63 -11.07 11.68
N ARG B 124 -44.31 -10.12 10.82
CA ARG B 124 -44.53 -8.70 11.08
C ARG B 124 -45.53 -8.18 10.06
N PRO B 125 -46.80 -7.98 10.42
CA PRO B 125 -47.81 -7.67 9.40
C PRO B 125 -47.71 -6.26 8.84
N ILE B 126 -47.02 -5.35 9.51
CA ILE B 126 -47.00 -3.95 9.10
C ILE B 126 -45.66 -3.63 8.44
N ILE B 127 -45.56 -3.86 7.13
CA ILE B 127 -44.38 -3.51 6.35
C ILE B 127 -44.79 -2.40 5.39
N SER B 128 -44.19 -1.22 5.55
CA SER B 128 -44.49 -0.11 4.66
C SER B 128 -43.82 -0.34 3.30
N PRO B 129 -44.51 -0.08 2.20
CA PRO B 129 -43.95 -0.42 0.89
C PRO B 129 -42.98 0.64 0.38
N ASN B 130 -42.07 0.19 -0.47
CA ASN B 130 -41.09 1.06 -1.12
C ASN B 130 -40.76 0.41 -2.45
N LEU B 131 -41.25 1.00 -3.54
CA LEU B 131 -41.11 0.35 -4.85
C LEU B 131 -39.66 0.30 -5.29
N ASN B 132 -38.86 1.29 -4.89
CA ASN B 132 -37.44 1.29 -5.24
C ASN B 132 -36.74 0.07 -4.66
N PHE B 133 -37.01 -0.22 -3.38
CA PHE B 133 -36.42 -1.41 -2.76
C PHE B 133 -36.99 -2.68 -3.37
N MET B 134 -38.29 -2.71 -3.63
CA MET B 134 -38.90 -3.88 -4.26
C MET B 134 -38.21 -4.21 -5.57
N GLY B 135 -37.90 -3.19 -6.37
CA GLY B 135 -37.19 -3.42 -7.62
C GLY B 135 -35.79 -3.96 -7.41
N GLN B 136 -35.11 -3.51 -6.35
CA GLN B 136 -33.79 -4.02 -6.05
C GLN B 136 -33.84 -5.49 -5.65
N LEU B 137 -34.87 -5.88 -4.91
CA LEU B 137 -35.04 -7.29 -4.57
C LEU B 137 -35.35 -8.12 -5.81
N LEU B 138 -36.07 -7.54 -6.77
CA LEU B 138 -36.34 -8.23 -8.02
C LEU B 138 -35.05 -8.46 -8.79
N GLU B 139 -34.22 -7.41 -8.91
CA GLU B 139 -32.92 -7.58 -9.55
C GLU B 139 -32.08 -8.61 -8.81
N PHE B 140 -32.17 -8.63 -7.47
CA PHE B 140 -31.40 -9.58 -6.68
C PHE B 140 -31.86 -11.01 -6.95
N GLU B 141 -33.17 -11.23 -7.09
CA GLU B 141 -33.69 -12.55 -7.42
C GLU B 141 -33.09 -13.05 -8.73
N GLU B 142 -33.01 -12.17 -9.72
CA GLU B 142 -32.46 -12.55 -11.02
C GLU B 142 -30.98 -12.87 -10.91
N ASP B 143 -30.19 -11.97 -10.29
CA ASP B 143 -28.78 -12.23 -10.07
C ASP B 143 -28.55 -13.55 -9.37
N LEU B 144 -29.48 -13.96 -8.49
CA LEU B 144 -29.35 -15.24 -7.80
C LEU B 144 -29.59 -16.38 -8.78
N ASN B 145 -30.72 -16.35 -9.49
CA ASN B 145 -31.05 -17.42 -10.41
C ASN B 145 -30.05 -17.54 -11.57
N ASN B 146 -29.31 -16.48 -11.88
CA ASN B 146 -28.34 -16.51 -12.95
C ASN B 146 -26.92 -16.76 -12.44
N GLY B 147 -26.77 -17.06 -11.15
CA GLY B 147 -25.46 -17.35 -10.59
C GLY B 147 -24.47 -16.20 -10.70
N VAL B 148 -24.98 -14.96 -10.75
CA VAL B 148 -24.16 -13.79 -10.96
C VAL B 148 -23.78 -13.09 -9.65
N THR B 149 -24.41 -13.45 -8.54
CA THR B 149 -24.07 -12.88 -7.24
C THR B 149 -23.43 -13.92 -6.34
N ALA C 2 11.78 15.46 -16.01
CA ALA C 2 12.12 14.77 -14.78
C ALA C 2 10.88 14.65 -13.89
N GLU C 3 10.35 13.44 -13.79
CA GLU C 3 9.18 13.17 -12.95
C GLU C 3 9.50 12.04 -11.97
N LEU C 4 9.58 12.37 -10.68
CA LEU C 4 9.59 11.38 -9.61
C LEU C 4 8.16 11.34 -9.07
N THR C 5 7.34 10.47 -9.66
CA THR C 5 5.90 10.48 -9.38
C THR C 5 5.62 10.05 -7.95
N PRO C 6 4.99 10.89 -7.13
CA PRO C 6 4.62 10.46 -5.77
C PRO C 6 3.43 9.52 -5.82
N ILE C 7 3.63 8.29 -5.34
CA ILE C 7 2.55 7.31 -5.22
C ILE C 7 1.93 7.32 -3.83
N LEU C 8 2.78 7.21 -2.79
CA LEU C 8 2.40 7.44 -1.39
C LEU C 8 3.32 8.52 -0.85
N PRO C 9 3.03 9.09 0.33
CA PRO C 9 3.88 10.17 0.85
C PRO C 9 5.36 9.78 0.90
N PHE C 10 5.62 8.49 0.95
CA PHE C 10 6.95 7.95 1.13
C PHE C 10 7.42 7.10 -0.03
N LEU C 11 6.64 6.98 -1.10
CA LEU C 11 6.93 6.06 -2.20
C LEU C 11 6.80 6.80 -3.52
N PHE C 12 7.85 6.74 -4.34
CA PHE C 12 7.91 7.44 -5.60
C PHE C 12 8.27 6.46 -6.71
N LEU C 13 7.76 6.74 -7.92
CA LEU C 13 7.95 5.88 -9.08
C LEU C 13 8.54 6.72 -10.21
N GLY C 14 9.50 6.13 -10.92
CA GLY C 14 10.11 6.83 -12.05
C GLY C 14 10.75 5.87 -13.02
N ASN C 15 11.26 6.44 -14.11
CA ASN C 15 11.97 5.69 -15.13
C ASN C 15 13.47 5.95 -15.01
N GLU C 16 14.22 5.52 -16.03
CA GLU C 16 15.67 5.61 -15.97
C GLU C 16 16.15 7.07 -15.94
N GLN C 17 15.49 7.94 -16.69
CA GLN C 17 15.89 9.34 -16.71
C GLN C 17 15.47 10.07 -15.44
N ASP C 18 14.32 9.70 -14.87
CA ASP C 18 13.85 10.35 -13.64
C ASP C 18 14.81 10.08 -12.48
N ALA C 19 15.35 8.88 -12.40
CA ALA C 19 16.22 8.50 -11.28
C ALA C 19 17.56 9.21 -11.30
N GLN C 20 17.86 9.99 -12.35
CA GLN C 20 19.17 10.66 -12.52
C GLN C 20 19.10 12.13 -12.07
N ASP C 21 18.04 12.55 -11.39
CA ASP C 21 17.90 13.94 -10.87
C ASP C 21 18.21 13.97 -9.37
N LEU C 22 19.48 14.13 -9.00
CA LEU C 22 19.91 14.21 -7.58
C LEU C 22 19.19 15.38 -6.93
N ASP C 23 19.07 16.48 -7.65
CA ASP C 23 18.46 17.71 -7.08
C ASP C 23 17.05 17.37 -6.59
N THR C 24 16.18 16.75 -7.38
CA THR C 24 14.79 16.44 -7.00
C THR C 24 14.76 15.37 -5.94
N MET C 25 15.72 14.47 -5.96
CA MET C 25 15.80 13.39 -4.94
C MET C 25 16.02 14.04 -3.58
N GLN C 26 16.91 15.02 -3.50
CA GLN C 26 17.25 15.69 -2.21
C GLN C 26 16.11 16.60 -1.75
N ARG C 27 15.42 17.31 -2.65
CA ARG C 27 14.26 18.13 -2.30
C ARG C 27 13.16 17.29 -1.67
N LEU C 28 12.96 16.07 -2.17
CA LEU C 28 11.85 15.23 -1.74
C LEU C 28 12.22 14.32 -0.58
N ASN C 29 13.41 14.48 0.00
CA ASN C 29 13.79 13.72 1.20
C ASN C 29 13.78 12.23 0.92
N ILE C 30 14.26 11.84 -0.27
CA ILE C 30 14.36 10.44 -0.65
C ILE C 30 15.73 9.92 -0.21
N GLY C 31 15.73 8.85 0.58
CA GLY C 31 16.96 8.26 1.03
C GLY C 31 17.13 6.81 0.63
N TYR C 32 16.17 6.27 -0.12
CA TYR C 32 16.19 4.88 -0.54
C TYR C 32 15.87 4.78 -2.01
N VAL C 33 16.50 3.83 -2.70
CA VAL C 33 16.31 3.62 -4.13
C VAL C 33 16.24 2.12 -4.39
N ILE C 34 15.25 1.71 -5.17
CA ILE C 34 15.16 0.35 -5.70
C ILE C 34 15.32 0.44 -7.21
N ASN C 35 16.39 -0.17 -7.73
CA ASN C 35 16.69 -0.21 -9.15
C ASN C 35 16.30 -1.60 -9.66
N VAL C 36 15.24 -1.66 -10.47
CA VAL C 36 14.71 -2.94 -10.92
C VAL C 36 15.23 -3.26 -12.32
N THR C 37 16.55 -3.25 -12.48
CA THR C 37 17.19 -3.61 -13.73
C THR C 37 18.45 -4.39 -13.42
N THR C 38 18.94 -5.12 -14.43
CA THR C 38 20.21 -5.82 -14.29
C THR C 38 21.40 -4.97 -14.71
N HIS C 39 21.21 -4.03 -15.64
CA HIS C 39 22.32 -3.42 -16.34
C HIS C 39 22.52 -1.92 -16.08
N LEU C 40 21.51 -1.23 -15.56
CA LEU C 40 21.73 0.18 -15.32
C LEU C 40 22.55 0.40 -14.07
N PRO C 41 23.29 1.50 -13.97
CA PRO C 41 24.02 1.80 -12.74
C PRO C 41 23.07 2.19 -11.61
N LEU C 42 23.57 2.07 -10.39
CA LEU C 42 22.90 2.63 -9.22
C LEU C 42 23.27 4.11 -9.17
N TYR C 43 22.40 4.94 -9.76
CA TYR C 43 22.70 6.35 -9.91
C TYR C 43 22.99 7.01 -8.57
N HIS C 44 24.02 7.84 -8.54
CA HIS C 44 24.44 8.62 -7.38
C HIS C 44 25.01 7.74 -6.27
N TYR C 45 25.52 6.55 -6.61
CA TYR C 45 26.04 5.65 -5.58
C TYR C 45 27.23 6.26 -4.86
N GLU C 46 28.22 6.74 -5.62
CA GLU C 46 29.46 7.21 -5.04
C GLU C 46 29.29 8.50 -4.23
N LYS C 47 28.16 9.19 -4.35
CA LYS C 47 27.94 10.38 -3.53
C LYS C 47 27.62 10.03 -2.08
N GLY C 48 27.31 8.78 -1.78
CA GLY C 48 27.14 8.35 -0.41
C GLY C 48 25.90 8.85 0.28
N LEU C 49 24.86 9.19 -0.47
CA LEU C 49 23.67 9.78 0.11
C LEU C 49 22.54 8.78 0.35
N PHE C 50 22.45 7.71 -0.43
CA PHE C 50 21.27 6.87 -0.40
C PHE C 50 21.60 5.40 -0.10
N ASN C 51 20.59 4.70 0.41
CA ASN C 51 20.63 3.24 0.51
C ASN C 51 20.01 2.64 -0.74
N TYR C 52 20.64 1.61 -1.28
CA TYR C 52 20.23 1.03 -2.55
C TYR C 52 19.85 -0.43 -2.40
N LYS C 53 18.96 -0.87 -3.28
CA LYS C 53 18.67 -2.28 -3.46
C LYS C 53 18.40 -2.51 -4.94
N ARG C 54 19.03 -3.52 -5.52
CA ARG C 54 18.80 -3.88 -6.92
C ARG C 54 17.92 -5.13 -6.99
N LEU C 55 16.86 -5.05 -7.80
CA LEU C 55 16.07 -6.22 -8.18
C LEU C 55 16.45 -6.53 -9.62
N PRO C 56 17.47 -7.36 -9.87
CA PRO C 56 17.98 -7.51 -11.24
C PRO C 56 17.02 -8.28 -12.14
N ALA C 57 16.13 -7.55 -12.80
CA ALA C 57 15.06 -8.14 -13.61
C ALA C 57 15.05 -7.53 -15.00
N THR C 58 14.63 -8.33 -15.97
CA THR C 58 14.41 -7.86 -17.33
C THR C 58 12.91 -7.66 -17.56
N ASP C 59 12.60 -6.84 -18.58
CA ASP C 59 11.22 -6.60 -19.00
C ASP C 59 10.86 -7.58 -20.11
N SER C 60 10.70 -8.84 -19.73
CA SER C 60 10.53 -9.93 -20.67
C SER C 60 9.27 -10.73 -20.30
N ASN C 61 8.97 -11.75 -21.10
CA ASN C 61 7.79 -12.57 -20.87
C ASN C 61 8.04 -13.80 -19.99
N LYS C 62 9.27 -14.03 -19.54
CA LYS C 62 9.52 -15.10 -18.57
C LYS C 62 10.09 -14.58 -17.26
N GLN C 63 10.38 -13.28 -17.15
CA GLN C 63 10.97 -12.75 -15.93
C GLN C 63 10.03 -12.92 -14.75
N ASN C 64 10.53 -13.56 -13.69
CA ASN C 64 9.81 -13.69 -12.43
C ASN C 64 10.11 -12.47 -11.56
N LEU C 65 9.07 -11.68 -11.28
CA LEU C 65 9.18 -10.58 -10.33
C LEU C 65 8.55 -10.90 -8.97
N ARG C 66 7.60 -11.84 -8.93
CA ARG C 66 6.98 -12.23 -7.67
C ARG C 66 8.04 -12.61 -6.63
N GLN C 67 9.15 -13.20 -7.08
CA GLN C 67 10.20 -13.60 -6.15
C GLN C 67 10.75 -12.42 -5.37
N TYR C 68 10.66 -11.21 -5.92
CA TYR C 68 11.25 -10.02 -5.32
C TYR C 68 10.26 -9.19 -4.50
N PHE C 69 9.00 -9.64 -4.39
CA PHE C 69 8.00 -8.82 -3.71
C PHE C 69 8.37 -8.59 -2.25
N GLU C 70 8.57 -9.67 -1.49
CA GLU C 70 8.83 -9.53 -0.06
C GLU C 70 10.05 -8.66 0.20
N GLU C 71 11.18 -8.99 -0.43
CA GLU C 71 12.39 -8.18 -0.28
C GLU C 71 12.09 -6.70 -0.54
N ALA C 72 11.29 -6.40 -1.55
CA ALA C 72 10.99 -5.01 -1.87
C ALA C 72 10.12 -4.38 -0.79
N PHE C 73 9.15 -5.12 -0.26
CA PHE C 73 8.27 -4.56 0.78
C PHE C 73 9.06 -4.22 2.03
N GLU C 74 9.98 -5.11 2.44
CA GLU C 74 10.77 -4.83 3.64
C GLU C 74 11.60 -3.56 3.46
N PHE C 75 12.13 -3.35 2.26
CA PHE C 75 12.91 -2.15 1.99
C PHE C 75 12.03 -0.91 1.98
N ILE C 76 10.78 -1.04 1.53
CA ILE C 76 9.87 0.10 1.55
C ILE C 76 9.48 0.44 2.97
N GLU C 77 9.20 -0.57 3.80
CA GLU C 77 8.81 -0.30 5.17
C GLU C 77 9.95 0.33 5.94
N GLU C 78 11.19 -0.06 5.63
CA GLU C 78 12.36 0.54 6.27
C GLU C 78 12.36 2.05 6.05
N ALA C 79 12.14 2.47 4.81
CA ALA C 79 12.11 3.91 4.52
C ALA C 79 10.94 4.58 5.22
N HIS C 80 9.77 3.95 5.19
CA HIS C 80 8.59 4.54 5.84
C HIS C 80 8.79 4.66 7.35
N GLN C 81 9.36 3.63 7.97
CA GLN C 81 9.46 3.63 9.44
C GLN C 81 10.45 4.68 9.93
N CYS C 82 11.44 5.03 9.10
CA CYS C 82 12.40 6.07 9.44
C CYS C 82 12.03 7.42 8.84
N GLY C 83 10.89 7.51 8.16
CA GLY C 83 10.38 8.79 7.70
C GLY C 83 11.04 9.36 6.47
N LYS C 84 11.68 8.54 5.65
CA LYS C 84 12.32 9.00 4.43
C LYS C 84 11.67 8.34 3.22
N GLY C 85 11.77 9.01 2.07
CA GLY C 85 11.16 8.52 0.86
C GLY C 85 12.01 7.50 0.14
N LEU C 86 11.32 6.69 -0.67
CA LEU C 86 11.94 5.65 -1.47
C LEU C 86 11.53 5.83 -2.92
N LEU C 87 12.51 5.81 -3.82
CA LEU C 87 12.26 5.81 -5.25
C LEU C 87 12.44 4.39 -5.78
N ILE C 88 11.47 3.92 -6.57
CA ILE C 88 11.58 2.65 -7.28
C ILE C 88 11.49 2.98 -8.77
N HIS C 89 12.48 2.53 -9.53
CA HIS C 89 12.57 2.88 -10.94
C HIS C 89 13.07 1.68 -11.74
N CYS C 90 12.75 1.69 -13.03
CA CYS C 90 13.38 0.80 -14.00
C CYS C 90 13.70 1.63 -15.23
N GLN C 91 12.95 1.43 -16.33
CA GLN C 91 13.18 2.19 -17.55
C GLN C 91 11.88 2.76 -18.09
N ALA C 92 11.93 3.37 -19.28
CA ALA C 92 10.74 3.98 -19.86
C ALA C 92 9.62 2.95 -19.98
N GLY C 93 8.41 3.38 -19.63
CA GLY C 93 7.26 2.50 -19.56
C GLY C 93 7.02 1.91 -18.19
N VAL C 94 8.04 1.87 -17.35
CA VAL C 94 7.96 1.49 -15.94
C VAL C 94 7.18 0.20 -15.69
N SER C 95 7.26 -0.74 -16.61
CA SER C 95 6.52 -1.99 -16.44
C SER C 95 7.02 -2.74 -15.21
N ARG C 96 8.34 -2.84 -15.03
CA ARG C 96 8.88 -3.60 -13.91
C ARG C 96 8.60 -2.92 -12.58
N SER C 97 8.91 -1.63 -12.48
CA SER C 97 8.74 -0.93 -11.21
C SER C 97 7.27 -0.75 -10.86
N ALA C 98 6.42 -0.55 -11.86
CA ALA C 98 4.99 -0.41 -11.60
C ALA C 98 4.40 -1.70 -11.04
N THR C 99 4.89 -2.85 -11.52
CA THR C 99 4.43 -4.12 -10.97
C THR C 99 4.74 -4.22 -9.48
N ILE C 100 5.92 -3.77 -9.06
CA ILE C 100 6.28 -3.85 -7.65
C ILE C 100 5.44 -2.88 -6.83
N VAL C 101 5.23 -1.67 -7.34
CA VAL C 101 4.41 -0.69 -6.63
C VAL C 101 2.98 -1.23 -6.45
N ILE C 102 2.41 -1.75 -7.54
CA ILE C 102 1.06 -2.29 -7.46
C ILE C 102 1.00 -3.43 -6.46
N ALA C 103 2.03 -4.29 -6.46
CA ALA C 103 2.06 -5.40 -5.51
C ALA C 103 2.09 -4.88 -4.08
N TYR C 104 2.86 -3.81 -3.82
CA TYR C 104 2.89 -3.24 -2.48
C TYR C 104 1.53 -2.69 -2.08
N LEU C 105 0.89 -1.96 -2.98
CA LEU C 105 -0.42 -1.40 -2.65
C LEU C 105 -1.43 -2.50 -2.36
N MET C 106 -1.31 -3.64 -3.05
CA MET C 106 -2.22 -4.75 -2.78
C MET C 106 -1.97 -5.36 -1.41
N LYS C 107 -0.72 -5.36 -0.95
CA LYS C 107 -0.37 -6.09 0.26
C LYS C 107 -0.69 -5.31 1.53
N HIS C 108 -0.39 -4.00 1.57
CA HIS C 108 -0.50 -3.25 2.81
C HIS C 108 -1.54 -2.14 2.77
N THR C 109 -2.05 -1.77 1.60
CA THR C 109 -3.01 -0.69 1.49
C THR C 109 -4.42 -1.20 1.23
N ARG C 110 -4.61 -2.51 1.17
CA ARG C 110 -5.92 -3.14 1.05
C ARG C 110 -6.64 -2.76 -0.23
N MET C 111 -5.91 -2.35 -1.25
CA MET C 111 -6.49 -2.11 -2.56
C MET C 111 -6.55 -3.43 -3.33
N THR C 112 -7.51 -3.52 -4.24
CA THR C 112 -7.50 -4.64 -5.18
C THR C 112 -6.41 -4.42 -6.22
N MET C 113 -6.12 -5.47 -6.98
CA MET C 113 -5.13 -5.35 -8.05
C MET C 113 -5.54 -4.26 -9.02
N THR C 114 -6.80 -4.30 -9.49
CA THR C 114 -7.27 -3.31 -10.45
C THR C 114 -7.38 -1.92 -9.82
N ASP C 115 -7.76 -1.84 -8.55
CA ASP C 115 -7.80 -0.55 -7.88
C ASP C 115 -6.41 0.06 -7.79
N ALA C 116 -5.41 -0.76 -7.48
CA ALA C 116 -4.04 -0.26 -7.37
C ALA C 116 -3.49 0.15 -8.73
N PHE C 117 -3.83 -0.60 -9.78
CA PHE C 117 -3.38 -0.24 -11.12
C PHE C 117 -3.95 1.11 -11.56
N LYS C 118 -5.26 1.32 -11.37
CA LYS C 118 -5.86 2.59 -11.76
C LYS C 118 -5.31 3.72 -10.90
N PHE C 119 -5.06 3.44 -9.62
CA PHE C 119 -4.47 4.44 -8.74
C PHE C 119 -3.10 4.86 -9.26
N VAL C 120 -2.27 3.89 -9.67
CA VAL C 120 -0.93 4.24 -10.13
C VAL C 120 -0.98 4.88 -11.51
N LYS C 121 -1.87 4.40 -12.40
CA LYS C 121 -1.94 5.02 -13.72
C LYS C 121 -2.49 6.43 -13.63
N GLY C 122 -3.40 6.69 -12.69
CA GLY C 122 -3.89 8.05 -12.49
C GLY C 122 -2.79 8.99 -12.08
N LYS C 123 -1.79 8.47 -11.35
CA LYS C 123 -0.66 9.29 -10.91
C LYS C 123 0.43 9.36 -11.97
N ARG C 124 0.72 8.23 -12.64
CA ARG C 124 1.66 8.18 -13.76
C ARG C 124 0.93 7.59 -14.97
N PRO C 125 0.45 8.42 -15.90
CA PRO C 125 -0.46 7.88 -16.94
C PRO C 125 0.18 6.95 -17.95
N ILE C 126 1.50 6.92 -18.09
CA ILE C 126 2.12 6.12 -19.14
C ILE C 126 2.77 4.87 -18.54
N ILE C 127 2.01 3.79 -18.44
CA ILE C 127 2.52 2.50 -18.01
C ILE C 127 2.43 1.53 -19.18
N SER C 128 3.58 1.05 -19.65
CA SER C 128 3.61 0.07 -20.73
C SER C 128 3.19 -1.30 -20.20
N PRO C 129 2.37 -2.04 -20.96
CA PRO C 129 1.84 -3.30 -20.44
C PRO C 129 2.81 -4.46 -20.59
N ASN C 130 2.61 -5.46 -19.75
CA ASN C 130 3.38 -6.70 -19.78
C ASN C 130 2.47 -7.80 -19.28
N LEU C 131 2.02 -8.68 -20.19
CA LEU C 131 1.04 -9.69 -19.81
C LEU C 131 1.62 -10.68 -18.80
N ASN C 132 2.92 -10.95 -18.88
CA ASN C 132 3.56 -11.85 -17.92
C ASN C 132 3.47 -11.29 -16.51
N PHE C 133 3.76 -9.99 -16.35
CA PHE C 133 3.64 -9.35 -15.05
C PHE C 133 2.18 -9.30 -14.60
N MET C 134 1.25 -9.06 -15.53
CA MET C 134 -0.17 -9.06 -15.18
C MET C 134 -0.58 -10.38 -14.54
N GLY C 135 -0.13 -11.50 -15.13
CA GLY C 135 -0.48 -12.80 -14.56
C GLY C 135 0.09 -13.01 -13.18
N GLN C 136 1.30 -12.50 -12.93
CA GLN C 136 1.90 -12.64 -11.61
C GLN C 136 1.13 -11.82 -10.59
N LEU C 137 0.68 -10.62 -10.96
CA LEU C 137 -0.13 -9.82 -10.05
C LEU C 137 -1.50 -10.46 -9.82
N LEU C 138 -2.08 -11.06 -10.86
CA LEU C 138 -3.33 -11.79 -10.69
C LEU C 138 -3.15 -12.98 -9.75
N GLU C 139 -2.14 -13.82 -10.01
CA GLU C 139 -1.83 -14.92 -9.10
C GLU C 139 -1.57 -14.39 -7.69
N PHE C 140 -0.86 -13.27 -7.57
CA PHE C 140 -0.62 -12.68 -6.26
C PHE C 140 -1.92 -12.27 -5.58
N GLU C 141 -2.84 -11.68 -6.35
CA GLU C 141 -4.13 -11.30 -5.78
C GLU C 141 -4.85 -12.52 -5.20
N GLU C 142 -4.76 -13.66 -5.89
CA GLU C 142 -5.45 -14.85 -5.40
C GLU C 142 -4.79 -15.37 -4.13
N ASP C 143 -3.46 -15.46 -4.13
CA ASP C 143 -2.75 -15.91 -2.94
C ASP C 143 -3.07 -15.07 -1.72
N LEU C 144 -3.28 -13.77 -1.91
CA LEU C 144 -3.62 -12.91 -0.78
C LEU C 144 -5.05 -13.16 -0.30
N ASN C 145 -6.00 -13.33 -1.24
CA ASN C 145 -7.38 -13.53 -0.83
C ASN C 145 -7.58 -14.87 -0.16
N ASN C 146 -6.81 -15.89 -0.57
CA ASN C 146 -6.86 -17.20 0.04
C ASN C 146 -6.03 -17.32 1.30
N GLY C 147 -5.45 -16.22 1.76
CA GLY C 147 -4.69 -16.22 3.00
C GLY C 147 -3.32 -16.84 2.93
N VAL C 148 -2.76 -17.01 1.73
CA VAL C 148 -1.43 -17.59 1.58
C VAL C 148 -0.41 -16.46 1.42
N ALA D 2 -17.43 -30.28 -28.58
CA ALA D 2 -18.34 -29.14 -28.60
C ALA D 2 -18.60 -28.66 -27.18
N GLU D 3 -18.07 -27.48 -26.84
CA GLU D 3 -18.28 -26.85 -25.54
C GLU D 3 -18.95 -25.50 -25.79
N LEU D 4 -20.23 -25.42 -25.45
CA LEU D 4 -20.98 -24.16 -25.42
C LEU D 4 -21.04 -23.74 -23.95
N THR D 5 -20.06 -22.95 -23.55
CA THR D 5 -19.88 -22.63 -22.13
C THR D 5 -21.04 -21.79 -21.62
N PRO D 6 -21.79 -22.26 -20.62
CA PRO D 6 -22.83 -21.40 -20.04
C PRO D 6 -22.20 -20.38 -19.11
N ILE D 7 -22.34 -19.11 -19.46
CA ILE D 7 -21.90 -18.01 -18.61
C ILE D 7 -23.03 -17.59 -17.69
N LEU D 8 -24.22 -17.41 -18.27
CA LEU D 8 -25.48 -17.28 -17.55
C LEU D 8 -26.35 -18.41 -18.06
N PRO D 9 -27.45 -18.75 -17.40
CA PRO D 9 -28.30 -19.85 -17.90
C PRO D 9 -28.75 -19.66 -19.35
N PHE D 10 -28.73 -18.41 -19.81
CA PHE D 10 -29.25 -18.07 -21.12
C PHE D 10 -28.19 -17.49 -22.05
N LEU D 11 -26.93 -17.44 -21.64
CA LEU D 11 -25.87 -16.80 -22.41
C LEU D 11 -24.71 -17.76 -22.51
N PHE D 12 -24.30 -18.07 -23.74
CA PHE D 12 -23.27 -19.06 -24.00
C PHE D 12 -22.15 -18.48 -24.85
N LEU D 13 -20.94 -18.99 -24.62
CA LEU D 13 -19.74 -18.56 -25.32
C LEU D 13 -19.05 -19.77 -25.93
N GLY D 14 -18.59 -19.61 -27.17
CA GLY D 14 -17.90 -20.68 -27.85
C GLY D 14 -17.04 -20.13 -28.97
N ASN D 15 -16.31 -21.04 -29.62
CA ASN D 15 -15.50 -20.70 -30.77
C ASN D 15 -16.22 -21.18 -32.03
N GLU D 16 -15.52 -21.12 -33.18
CA GLU D 16 -16.18 -21.46 -34.44
C GLU D 16 -16.58 -22.93 -34.49
N GLN D 17 -15.78 -23.82 -33.90
CA GLN D 17 -16.12 -25.24 -33.93
C GLN D 17 -17.30 -25.53 -33.00
N ASP D 18 -17.40 -24.83 -31.87
CA ASP D 18 -18.52 -25.04 -30.97
C ASP D 18 -19.84 -24.64 -31.62
N ALA D 19 -19.82 -23.57 -32.42
CA ALA D 19 -21.05 -23.04 -33.00
C ALA D 19 -21.63 -23.94 -34.08
N GLN D 20 -20.94 -25.02 -34.45
CA GLN D 20 -21.42 -25.90 -35.52
C GLN D 20 -22.17 -27.12 -35.01
N ASP D 21 -22.22 -27.33 -33.69
CA ASP D 21 -22.91 -28.48 -33.11
C ASP D 21 -24.38 -28.12 -32.96
N LEU D 22 -25.17 -28.41 -34.00
CA LEU D 22 -26.57 -28.02 -33.97
C LEU D 22 -27.33 -28.74 -32.86
N ASP D 23 -27.05 -30.03 -32.67
CA ASP D 23 -27.75 -30.80 -31.64
C ASP D 23 -27.61 -30.13 -30.28
N THR D 24 -26.40 -29.70 -29.93
CA THR D 24 -26.18 -29.05 -28.65
C THR D 24 -26.93 -27.72 -28.56
N MET D 25 -26.99 -26.97 -29.66
CA MET D 25 -27.67 -25.68 -29.64
C MET D 25 -29.15 -25.84 -29.31
N GLN D 26 -29.78 -26.89 -29.84
CA GLN D 26 -31.22 -27.09 -29.60
C GLN D 26 -31.47 -27.69 -28.24
N ARG D 27 -30.57 -28.57 -27.78
CA ARG D 27 -30.68 -29.11 -26.42
C ARG D 27 -30.72 -27.98 -25.40
N LEU D 28 -29.95 -26.92 -25.63
CA LEU D 28 -29.80 -25.82 -24.68
C LEU D 28 -30.80 -24.69 -24.92
N ASN D 29 -31.78 -24.90 -25.81
CA ASN D 29 -32.84 -23.92 -26.03
C ASN D 29 -32.27 -22.59 -26.52
N ILE D 30 -31.28 -22.66 -27.41
CA ILE D 30 -30.68 -21.47 -27.99
C ILE D 30 -31.43 -21.10 -29.25
N GLY D 31 -31.94 -19.88 -29.29
CA GLY D 31 -32.66 -19.39 -30.46
C GLY D 31 -32.03 -18.14 -31.04
N TYR D 32 -30.91 -17.70 -30.46
CA TYR D 32 -30.24 -16.49 -30.88
C TYR D 32 -28.75 -16.75 -31.02
N VAL D 33 -28.12 -16.12 -32.01
CA VAL D 33 -26.70 -16.31 -32.27
C VAL D 33 -26.08 -14.97 -32.63
N ILE D 34 -24.94 -14.65 -32.01
CA ILE D 34 -24.10 -13.52 -32.39
C ILE D 34 -22.78 -14.07 -32.90
N ASN D 35 -22.50 -13.81 -34.18
CA ASN D 35 -21.26 -14.23 -34.84
C ASN D 35 -20.37 -12.99 -34.91
N VAL D 36 -19.29 -12.99 -34.12
CA VAL D 36 -18.44 -11.81 -34.01
C VAL D 36 -17.25 -11.97 -34.94
N THR D 37 -17.51 -12.22 -36.22
CA THR D 37 -16.48 -12.30 -37.23
C THR D 37 -17.00 -11.67 -38.52
N THR D 38 -16.07 -11.31 -39.39
CA THR D 38 -16.44 -10.78 -40.70
C THR D 38 -16.60 -11.86 -41.76
N HIS D 39 -15.88 -12.99 -41.61
CA HIS D 39 -15.70 -13.93 -42.70
C HIS D 39 -16.33 -15.29 -42.49
N LEU D 40 -16.68 -15.65 -41.27
CA LEU D 40 -17.27 -16.96 -41.09
C LEU D 40 -18.74 -16.96 -41.51
N PRO D 41 -19.27 -18.11 -41.95
CA PRO D 41 -20.69 -18.18 -42.25
C PRO D 41 -21.51 -18.12 -40.97
N LEU D 42 -22.79 -17.78 -41.12
CA LEU D 42 -23.76 -17.94 -40.04
C LEU D 42 -24.22 -19.38 -40.06
N TYR D 43 -23.56 -20.22 -39.27
CA TYR D 43 -23.83 -21.65 -39.31
C TYR D 43 -25.31 -21.93 -39.07
N HIS D 44 -25.86 -22.84 -39.88
CA HIS D 44 -27.25 -23.30 -39.76
C HIS D 44 -28.25 -22.21 -40.14
N TYR D 45 -27.84 -21.27 -40.99
CA TYR D 45 -28.74 -20.16 -41.33
C TYR D 45 -29.96 -20.65 -42.08
N GLU D 46 -29.77 -21.43 -43.15
CA GLU D 46 -30.88 -21.78 -44.02
C GLU D 46 -31.88 -22.72 -43.36
N LYS D 47 -31.53 -23.34 -42.24
CA LYS D 47 -32.46 -24.21 -41.54
C LYS D 47 -33.58 -23.43 -40.86
N GLY D 48 -33.44 -22.12 -40.74
CA GLY D 48 -34.52 -21.28 -40.29
C GLY D 48 -34.87 -21.40 -38.83
N LEU D 49 -33.93 -21.82 -37.99
CA LEU D 49 -34.23 -22.06 -36.58
C LEU D 49 -33.88 -20.90 -35.67
N PHE D 50 -32.86 -20.10 -36.00
CA PHE D 50 -32.34 -19.11 -35.07
C PHE D 50 -32.39 -17.71 -35.65
N ASN D 51 -32.41 -16.72 -34.75
CA ASN D 51 -32.18 -15.33 -35.10
C ASN D 51 -30.70 -15.02 -35.00
N TYR D 52 -30.17 -14.29 -35.97
CA TYR D 52 -28.74 -14.04 -36.07
C TYR D 52 -28.44 -12.54 -35.98
N LYS D 53 -27.24 -12.23 -35.49
CA LYS D 53 -26.67 -10.90 -35.61
C LYS D 53 -25.18 -11.06 -35.83
N ARG D 54 -24.63 -10.37 -36.81
CA ARG D 54 -23.19 -10.38 -37.08
C ARG D 54 -22.59 -9.08 -36.56
N LEU D 55 -21.51 -9.19 -35.79
CA LEU D 55 -20.66 -8.06 -35.42
C LEU D 55 -19.39 -8.18 -36.22
N PRO D 56 -19.32 -7.58 -37.42
CA PRO D 56 -18.17 -7.84 -38.30
C PRO D 56 -16.88 -7.23 -37.78
N ALA D 57 -16.15 -7.98 -36.96
CA ALA D 57 -14.95 -7.49 -36.29
C ALA D 57 -13.81 -8.46 -36.53
N THR D 58 -12.60 -7.91 -36.58
CA THR D 58 -11.38 -8.71 -36.66
C THR D 58 -10.74 -8.78 -35.28
N ASP D 59 -9.90 -9.79 -35.10
CA ASP D 59 -9.13 -9.96 -33.85
C ASP D 59 -7.77 -9.27 -34.02
N SER D 60 -7.81 -7.94 -33.98
CA SER D 60 -6.66 -7.10 -34.24
C SER D 60 -6.46 -6.12 -33.10
N ASN D 61 -5.40 -5.32 -33.21
CA ASN D 61 -5.08 -4.30 -32.22
C ASN D 61 -5.69 -2.95 -32.55
N LYS D 62 -6.41 -2.84 -33.67
CA LYS D 62 -7.12 -1.61 -34.00
C LYS D 62 -8.63 -1.79 -34.08
N GLN D 63 -9.14 -3.01 -33.96
CA GLN D 63 -10.57 -3.26 -34.07
C GLN D 63 -11.34 -2.59 -32.94
N ASN D 64 -12.33 -1.77 -33.28
CA ASN D 64 -13.23 -1.18 -32.31
C ASN D 64 -14.39 -2.15 -32.09
N LEU D 65 -14.49 -2.68 -30.87
CA LEU D 65 -15.64 -3.50 -30.49
C LEU D 65 -16.65 -2.74 -29.65
N ARG D 66 -16.22 -1.67 -28.97
CA ARG D 66 -17.15 -0.87 -28.18
C ARG D 66 -18.34 -0.43 -29.01
N GLN D 67 -18.14 -0.15 -30.30
CA GLN D 67 -19.22 0.32 -31.14
C GLN D 67 -20.37 -0.68 -31.19
N TYR D 68 -20.08 -1.96 -30.97
CA TYR D 68 -21.08 -3.01 -31.08
C TYR D 68 -21.70 -3.38 -29.74
N PHE D 69 -21.30 -2.72 -28.65
CA PHE D 69 -21.80 -3.09 -27.33
C PHE D 69 -23.31 -2.92 -27.26
N GLU D 70 -23.81 -1.72 -27.59
CA GLU D 70 -25.24 -1.45 -27.49
C GLU D 70 -26.06 -2.44 -28.31
N GLU D 71 -25.73 -2.58 -29.59
CA GLU D 71 -26.41 -3.55 -30.46
C GLU D 71 -26.39 -4.95 -29.85
N ALA D 72 -25.26 -5.37 -29.30
CA ALA D 72 -25.18 -6.72 -28.75
C ALA D 72 -26.01 -6.87 -27.50
N PHE D 73 -26.01 -5.87 -26.62
CA PHE D 73 -26.78 -5.97 -25.38
C PHE D 73 -28.27 -6.05 -25.68
N GLU D 74 -28.75 -5.27 -26.65
CA GLU D 74 -30.17 -5.32 -26.99
C GLU D 74 -30.57 -6.70 -27.51
N PHE D 75 -29.69 -7.32 -28.30
CA PHE D 75 -29.95 -8.65 -28.83
C PHE D 75 -29.93 -9.71 -27.73
N ILE D 76 -29.08 -9.53 -26.72
CA ILE D 76 -29.02 -10.49 -25.62
C ILE D 76 -30.27 -10.38 -24.75
N GLU D 77 -30.69 -9.15 -24.43
CA GLU D 77 -31.85 -8.97 -23.58
C GLU D 77 -33.12 -9.47 -24.28
N GLU D 78 -33.19 -9.33 -25.60
CA GLU D 78 -34.33 -9.86 -26.34
C GLU D 78 -34.45 -11.36 -26.10
N ALA D 79 -33.33 -12.08 -26.21
CA ALA D 79 -33.36 -13.52 -25.96
C ALA D 79 -33.71 -13.81 -24.50
N HIS D 80 -33.15 -13.02 -23.57
CA HIS D 80 -33.40 -13.26 -22.16
C HIS D 80 -34.88 -13.08 -21.83
N GLN D 81 -35.52 -12.05 -22.37
CA GLN D 81 -36.91 -11.77 -22.03
C GLN D 81 -37.87 -12.75 -22.69
N CYS D 82 -37.49 -13.36 -23.82
CA CYS D 82 -38.33 -14.31 -24.50
C CYS D 82 -38.06 -15.74 -24.05
N GLY D 83 -37.18 -15.93 -23.07
CA GLY D 83 -36.96 -17.24 -22.50
C GLY D 83 -36.10 -18.16 -23.34
N LYS D 84 -35.28 -17.62 -24.23
CA LYS D 84 -34.43 -18.41 -25.09
C LYS D 84 -32.96 -18.14 -24.80
N GLY D 85 -32.14 -19.11 -25.15
CA GLY D 85 -30.70 -18.95 -25.00
C GLY D 85 -30.06 -18.26 -26.18
N LEU D 86 -28.91 -17.65 -25.93
CA LEU D 86 -28.14 -16.96 -26.95
C LEU D 86 -26.71 -17.44 -26.92
N LEU D 87 -26.18 -17.82 -28.08
CA LEU D 87 -24.78 -18.17 -28.23
C LEU D 87 -24.05 -17.02 -28.90
N ILE D 88 -22.90 -16.63 -28.34
CA ILE D 88 -22.02 -15.65 -28.93
C ILE D 88 -20.67 -16.33 -29.16
N HIS D 89 -20.18 -16.27 -30.39
CA HIS D 89 -18.96 -16.97 -30.76
C HIS D 89 -18.14 -16.13 -31.74
N CYS D 90 -16.84 -16.41 -31.78
CA CYS D 90 -15.96 -15.91 -32.83
C CYS D 90 -15.07 -17.06 -33.29
N GLN D 91 -13.79 -17.02 -32.92
CA GLN D 91 -12.86 -18.09 -33.30
C GLN D 91 -12.06 -18.56 -32.08
N ALA D 92 -11.08 -19.44 -32.31
CA ALA D 92 -10.30 -19.99 -31.21
C ALA D 92 -9.66 -18.88 -30.39
N GLY D 93 -9.71 -19.03 -29.07
CA GLY D 93 -9.29 -18.00 -28.15
C GLY D 93 -10.39 -17.08 -27.70
N VAL D 94 -11.49 -17.00 -28.46
CA VAL D 94 -12.71 -16.29 -28.10
C VAL D 94 -12.44 -14.88 -27.59
N SER D 95 -11.41 -14.23 -28.13
CA SER D 95 -11.06 -12.90 -27.64
C SER D 95 -12.19 -11.91 -27.90
N ARG D 96 -12.75 -11.93 -29.12
CA ARG D 96 -13.79 -10.97 -29.47
C ARG D 96 -15.08 -11.26 -28.71
N SER D 97 -15.52 -12.52 -28.71
CA SER D 97 -16.78 -12.84 -28.05
C SER D 97 -16.68 -12.69 -26.54
N ALA D 98 -15.52 -13.01 -25.95
CA ALA D 98 -15.35 -12.84 -24.51
C ALA D 98 -15.44 -11.36 -24.12
N THR D 99 -14.89 -10.47 -24.95
CA THR D 99 -14.99 -9.05 -24.67
C THR D 99 -16.45 -8.61 -24.59
N ILE D 100 -17.28 -9.13 -25.49
CA ILE D 100 -18.70 -8.75 -25.51
C ILE D 100 -19.40 -9.31 -24.28
N VAL D 101 -19.11 -10.56 -23.92
CA VAL D 101 -19.72 -11.15 -22.73
C VAL D 101 -19.34 -10.34 -21.49
N ILE D 102 -18.05 -10.04 -21.35
CA ILE D 102 -17.60 -9.28 -20.19
C ILE D 102 -18.27 -7.91 -20.17
N ALA D 103 -18.37 -7.26 -21.33
CA ALA D 103 -19.03 -5.97 -21.40
C ALA D 103 -20.50 -6.07 -20.99
N TYR D 104 -21.18 -7.12 -21.45
CA TYR D 104 -22.57 -7.30 -21.06
C TYR D 104 -22.69 -7.49 -19.55
N LEU D 105 -21.83 -8.33 -18.97
CA LEU D 105 -21.87 -8.55 -17.54
C LEU D 105 -21.58 -7.26 -16.78
N MET D 106 -20.75 -6.38 -17.34
CA MET D 106 -20.45 -5.14 -16.65
C MET D 106 -21.66 -4.22 -16.60
N LYS D 107 -22.49 -4.26 -17.64
CA LYS D 107 -23.62 -3.33 -17.75
C LYS D 107 -24.82 -3.82 -16.95
N HIS D 108 -25.07 -5.12 -16.94
CA HIS D 108 -26.33 -5.66 -16.45
C HIS D 108 -26.23 -6.48 -15.17
N THR D 109 -25.05 -6.89 -14.74
CA THR D 109 -24.94 -7.82 -13.62
C THR D 109 -24.28 -7.28 -12.35
N ARG D 110 -23.92 -6.00 -12.29
CA ARG D 110 -23.28 -5.41 -11.12
C ARG D 110 -21.90 -5.99 -10.85
N MET D 111 -21.28 -6.64 -11.82
CA MET D 111 -19.90 -7.06 -11.68
C MET D 111 -18.97 -5.95 -12.16
N THR D 112 -17.76 -5.91 -11.59
CA THR D 112 -16.73 -5.05 -12.14
C THR D 112 -16.14 -5.69 -13.40
N MET D 113 -15.35 -4.90 -14.13
CA MET D 113 -14.66 -5.44 -15.29
C MET D 113 -13.81 -6.65 -14.91
N THR D 114 -13.00 -6.51 -13.86
CA THR D 114 -12.15 -7.63 -13.44
C THR D 114 -12.97 -8.76 -12.85
N ASP D 115 -14.05 -8.44 -12.14
CA ASP D 115 -14.92 -9.49 -11.62
C ASP D 115 -15.53 -10.28 -12.76
N ALA D 116 -15.94 -9.59 -13.82
CA ALA D 116 -16.53 -10.27 -14.97
C ALA D 116 -15.50 -11.10 -15.72
N PHE D 117 -14.26 -10.61 -15.80
CA PHE D 117 -13.20 -11.39 -16.44
C PHE D 117 -12.94 -12.67 -15.68
N LYS D 118 -12.86 -12.59 -14.35
CA LYS D 118 -12.60 -13.79 -13.55
C LYS D 118 -13.79 -14.74 -13.62
N PHE D 119 -15.01 -14.19 -13.66
CA PHE D 119 -16.21 -15.02 -13.79
C PHE D 119 -16.16 -15.82 -15.10
N VAL D 120 -15.80 -15.15 -16.19
CA VAL D 120 -15.75 -15.83 -17.48
C VAL D 120 -14.53 -16.74 -17.56
N LYS D 121 -13.41 -16.30 -16.99
CA LYS D 121 -12.20 -17.11 -17.08
C LYS D 121 -12.34 -18.43 -16.33
N GLY D 122 -13.08 -18.43 -15.21
CA GLY D 122 -13.29 -19.67 -14.50
C GLY D 122 -14.10 -20.69 -15.29
N LYS D 123 -15.02 -20.22 -16.12
CA LYS D 123 -15.88 -21.10 -16.92
C LYS D 123 -15.25 -21.48 -18.25
N ARG D 124 -14.55 -20.57 -18.91
CA ARG D 124 -13.82 -20.88 -20.15
C ARG D 124 -12.36 -20.55 -19.88
N PRO D 125 -11.53 -21.53 -19.50
CA PRO D 125 -10.17 -21.20 -19.02
C PRO D 125 -9.24 -20.69 -20.12
N ILE D 126 -9.56 -20.93 -21.39
CA ILE D 126 -8.67 -20.56 -22.48
C ILE D 126 -9.21 -19.33 -23.18
N ILE D 127 -8.84 -18.16 -22.70
CA ILE D 127 -9.16 -16.89 -23.35
C ILE D 127 -7.85 -16.26 -23.81
N SER D 128 -7.71 -16.09 -25.12
CA SER D 128 -6.52 -15.45 -25.65
C SER D 128 -6.56 -13.94 -25.34
N PRO D 129 -5.45 -13.35 -24.92
CA PRO D 129 -5.48 -11.94 -24.51
C PRO D 129 -5.40 -11.01 -25.72
N ASN D 130 -5.93 -9.81 -25.52
CA ASN D 130 -5.90 -8.76 -26.54
C ASN D 130 -5.87 -7.44 -25.81
N LEU D 131 -4.72 -6.74 -25.85
CA LEU D 131 -4.59 -5.53 -25.06
C LEU D 131 -5.50 -4.41 -25.58
N ASN D 132 -5.78 -4.40 -26.88
CA ASN D 132 -6.68 -3.38 -27.43
C ASN D 132 -8.08 -3.52 -26.84
N PHE D 133 -8.60 -4.75 -26.80
CA PHE D 133 -9.93 -4.97 -26.22
C PHE D 133 -9.92 -4.68 -24.72
N MET D 134 -8.85 -5.07 -24.03
CA MET D 134 -8.75 -4.79 -22.60
C MET D 134 -8.89 -3.29 -22.33
N GLY D 135 -8.21 -2.46 -23.12
CA GLY D 135 -8.30 -1.03 -22.94
C GLY D 135 -9.70 -0.50 -23.20
N GLN D 136 -10.41 -1.10 -24.16
CA GLN D 136 -11.78 -0.68 -24.42
C GLN D 136 -12.69 -1.03 -23.26
N LEU D 137 -12.48 -2.18 -22.62
CA LEU D 137 -13.29 -2.52 -21.46
C LEU D 137 -12.97 -1.62 -20.27
N LEU D 138 -11.75 -1.16 -20.14
CA LEU D 138 -11.36 -0.22 -19.06
C LEU D 138 -12.10 1.10 -19.26
N GLU D 139 -12.22 1.55 -20.51
CA GLU D 139 -12.91 2.82 -20.83
C GLU D 139 -14.40 2.64 -20.58
N PHE D 140 -14.92 1.45 -20.84
CA PHE D 140 -16.36 1.17 -20.65
C PHE D 140 -16.65 1.25 -19.18
N GLU D 141 -15.82 0.64 -18.36
CA GLU D 141 -16.00 0.69 -16.89
C GLU D 141 -15.97 2.14 -16.44
N GLU D 142 -15.10 2.95 -17.03
CA GLU D 142 -14.94 4.36 -16.62
C GLU D 142 -16.21 5.12 -16.97
N ASP D 143 -16.69 4.94 -18.18
CA ASP D 143 -17.92 5.61 -18.65
C ASP D 143 -19.05 5.12 -17.74
N LEU D 144 -19.16 3.83 -17.52
CA LEU D 144 -20.28 3.29 -16.73
C LEU D 144 -20.28 3.96 -15.33
N ASN D 145 -19.12 4.24 -14.72
CA ASN D 145 -19.06 4.81 -13.37
C ASN D 145 -19.38 6.30 -13.38
N ASN D 146 -19.02 7.00 -14.45
CA ASN D 146 -19.33 8.41 -14.59
C ASN D 146 -20.75 8.66 -15.10
N GLY D 147 -21.55 7.60 -15.24
CA GLY D 147 -22.92 7.74 -15.69
C GLY D 147 -23.09 7.97 -17.18
N VAL D 148 -22.07 7.67 -17.97
CA VAL D 148 -22.12 7.84 -19.42
C VAL D 148 -22.49 6.53 -20.09
N ALA E 2 24.21 -3.01 19.00
CA ALA E 2 25.51 -2.32 19.11
C ALA E 2 25.44 -1.07 18.25
N GLU E 3 24.30 -0.39 18.31
CA GLU E 3 24.06 0.84 17.53
C GLU E 3 24.38 2.06 18.37
N LEU E 4 25.33 2.88 17.96
CA LEU E 4 25.57 4.18 18.62
C LEU E 4 25.20 5.14 17.48
N THR E 5 23.92 5.34 17.24
CA THR E 5 23.44 6.16 16.12
C THR E 5 24.16 7.47 16.18
N PRO E 6 25.02 7.82 15.22
CA PRO E 6 25.62 9.16 15.21
C PRO E 6 24.56 10.17 14.85
N ILE E 7 24.19 11.09 15.75
CA ILE E 7 23.24 12.16 15.40
C ILE E 7 23.96 13.34 14.78
N LEU E 8 25.03 13.81 15.43
CA LEU E 8 25.98 14.77 14.88
C LEU E 8 27.33 14.07 14.90
N PRO E 9 28.36 14.61 14.23
CA PRO E 9 29.65 13.90 14.21
C PRO E 9 30.17 13.61 15.61
N PHE E 10 29.71 14.39 16.60
CA PHE E 10 30.20 14.28 17.96
C PHE E 10 29.12 13.89 18.97
N LEU E 11 27.91 13.59 18.51
CA LEU E 11 26.78 13.32 19.40
C LEU E 11 26.15 12.01 18.97
N PHE E 12 26.06 11.06 19.91
CA PHE E 12 25.60 9.71 19.63
C PHE E 12 24.45 9.37 20.57
N LEU E 13 23.53 8.54 20.08
CA LEU E 13 22.36 8.11 20.82
C LEU E 13 22.31 6.59 20.84
N GLY E 14 22.00 6.03 22.01
CA GLY E 14 21.91 4.59 22.16
C GLY E 14 21.06 4.27 23.37
N ASN E 15 20.86 2.98 23.58
CA ASN E 15 20.11 2.49 24.73
C ASN E 15 21.08 1.95 25.77
N GLU E 16 20.53 1.29 26.79
CA GLU E 16 21.37 0.82 27.88
C GLU E 16 22.36 -0.23 27.40
N GLN E 17 21.99 -1.09 26.43
CA GLN E 17 22.97 -2.13 26.02
C GLN E 17 23.99 -1.57 25.09
N ASP E 18 23.62 -0.54 24.30
CA ASP E 18 24.59 0.06 23.40
C ASP E 18 25.74 0.71 24.19
N ALA E 19 25.44 1.29 25.34
CA ALA E 19 26.43 2.00 26.14
C ALA E 19 27.47 1.08 26.78
N GLN E 20 27.26 -0.23 26.75
CA GLN E 20 28.17 -1.21 27.41
C GLN E 20 29.26 -1.70 26.42
N ASP E 21 29.32 -1.18 25.21
CA ASP E 21 30.30 -1.62 24.18
C ASP E 21 31.51 -0.71 24.18
N LEU E 22 32.44 -0.95 25.10
CA LEU E 22 33.66 -0.12 25.23
C LEU E 22 34.43 -0.12 23.90
N ASP E 23 34.52 -1.26 23.24
CA ASP E 23 35.32 -1.34 22.00
C ASP E 23 34.80 -0.26 21.06
N THR E 24 33.51 -0.24 20.73
CA THR E 24 32.90 0.77 19.83
C THR E 24 33.10 2.12 20.44
N MET E 25 32.81 2.27 21.72
CA MET E 25 32.91 3.58 22.39
C MET E 25 34.31 4.15 22.15
N GLN E 26 35.33 3.30 22.05
CA GLN E 26 36.73 3.80 21.91
C GLN E 26 37.06 4.05 20.43
N ARG E 27 36.53 3.26 19.51
CA ARG E 27 36.74 3.45 18.08
C ARG E 27 36.30 4.85 17.66
N LEU E 28 35.19 5.33 18.21
CA LEU E 28 34.54 6.55 17.77
C LEU E 28 35.00 7.78 18.55
N ASN E 29 36.03 7.64 19.38
CA ASN E 29 36.58 8.78 20.10
C ASN E 29 35.54 9.40 21.02
N ILE E 30 34.75 8.54 21.68
CA ILE E 30 33.75 9.00 22.64
C ILE E 30 34.42 9.14 23.99
N GLY E 31 34.40 10.34 24.55
CA GLY E 31 35.01 10.59 25.84
C GLY E 31 34.04 11.14 26.87
N TYR E 32 32.78 11.25 26.50
CA TYR E 32 31.74 11.79 27.37
C TYR E 32 30.53 10.89 27.31
N VAL E 33 29.86 10.73 28.44
CA VAL E 33 28.68 9.88 28.55
C VAL E 33 27.65 10.58 29.42
N ILE E 34 26.42 10.61 28.95
CA ILE E 34 25.27 11.08 29.73
C ILE E 34 24.35 9.89 29.95
N ASN E 35 24.14 9.53 31.21
CA ASN E 35 23.25 8.44 31.60
C ASN E 35 21.95 9.07 32.09
N VAL E 36 20.88 8.90 31.32
CA VAL E 36 19.61 9.54 31.65
C VAL E 36 18.70 8.55 32.36
N THR E 37 19.20 7.95 33.44
CA THR E 37 18.40 7.06 34.26
C THR E 37 18.78 7.27 35.72
N THR E 38 17.91 6.82 36.62
CA THR E 38 18.23 6.83 38.03
C THR E 38 18.94 5.56 38.47
N HIS E 39 18.70 4.44 37.79
CA HIS E 39 19.06 3.13 38.29
C HIS E 39 20.15 2.41 37.51
N LEU E 40 20.45 2.83 36.30
CA LEU E 40 21.51 2.14 35.60
C LEU E 40 22.88 2.59 36.11
N PRO E 41 23.88 1.70 36.06
CA PRO E 41 25.24 2.11 36.44
C PRO E 41 25.87 3.01 35.38
N LEU E 42 26.90 3.72 35.79
CA LEU E 42 27.78 4.43 34.85
C LEU E 42 28.77 3.40 34.33
N TYR E 43 28.43 2.79 33.19
CA TYR E 43 29.23 1.70 32.66
C TYR E 43 30.67 2.12 32.45
N HIS E 44 31.60 1.25 32.86
CA HIS E 44 33.03 1.45 32.68
C HIS E 44 33.55 2.61 33.52
N TYR E 45 32.87 2.90 34.63
CA TYR E 45 33.26 4.04 35.46
C TYR E 45 34.66 3.86 36.04
N GLU E 46 34.91 2.70 36.66
CA GLU E 46 36.16 2.53 37.40
C GLU E 46 37.38 2.49 36.51
N LYS E 47 37.22 2.32 35.20
CA LYS E 47 38.37 2.30 34.31
C LYS E 47 38.95 3.69 34.05
N GLY E 48 38.22 4.76 34.39
CA GLY E 48 38.79 6.09 34.32
C GLY E 48 38.97 6.64 32.92
N LEU E 49 38.17 6.19 31.96
CA LEU E 49 38.36 6.60 30.58
C LEU E 49 37.49 7.77 30.18
N PHE E 50 36.31 7.91 30.78
CA PHE E 50 35.30 8.85 30.31
C PHE E 50 34.90 9.81 31.43
N ASN E 51 34.42 10.98 31.01
CA ASN E 51 33.72 11.89 31.91
C ASN E 51 32.23 11.57 31.84
N TYR E 52 31.59 11.54 33.01
CA TYR E 52 30.21 11.11 33.10
C TYR E 52 29.33 12.22 33.64
N LYS E 53 28.06 12.18 33.25
CA LYS E 53 27.02 13.00 33.87
C LYS E 53 25.74 12.18 33.91
N ARG E 54 25.10 12.13 35.08
CA ARG E 54 23.82 11.45 35.22
C ARG E 54 22.71 12.47 35.31
N LEU E 55 21.66 12.26 34.51
CA LEU E 55 20.39 12.99 34.63
C LEU E 55 19.39 12.02 35.25
N PRO E 56 19.26 11.98 36.58
CA PRO E 56 18.46 10.91 37.20
C PRO E 56 16.98 11.07 36.90
N ALA E 57 16.53 10.47 35.80
CA ALA E 57 15.17 10.64 35.31
C ALA E 57 14.52 9.29 35.07
N THR E 58 13.21 9.25 35.30
CA THR E 58 12.38 8.11 34.99
C THR E 58 11.60 8.38 33.71
N ASP E 59 11.15 7.29 33.09
CA ASP E 59 10.31 7.37 31.89
C ASP E 59 8.85 7.37 32.31
N SER E 60 8.43 8.51 32.86
CA SER E 60 7.13 8.65 33.49
C SER E 60 6.37 9.82 32.88
N ASN E 61 5.14 10.01 33.35
CA ASN E 61 4.29 11.10 32.90
C ASN E 61 4.41 12.34 33.78
N LYS E 62 5.18 12.27 34.86
CA LYS E 62 5.44 13.43 35.71
C LYS E 62 6.92 13.79 35.76
N GLN E 63 7.79 13.00 35.14
CA GLN E 63 9.21 13.29 35.18
C GLN E 63 9.48 14.60 34.44
N ASN E 64 10.09 15.56 35.13
CA ASN E 64 10.54 16.79 34.53
C ASN E 64 11.93 16.57 33.95
N LEU E 65 12.04 16.67 32.62
CA LEU E 65 13.34 16.61 31.96
C LEU E 65 13.85 17.99 31.55
N ARG E 66 12.95 18.96 31.40
CA ARG E 66 13.36 20.32 31.07
C ARG E 66 14.41 20.84 32.04
N GLN E 67 14.34 20.43 33.31
CA GLN E 67 15.28 20.94 34.30
C GLN E 67 16.72 20.61 33.95
N TYR E 68 16.95 19.53 33.21
CA TYR E 68 18.30 19.07 32.92
C TYR E 68 18.83 19.53 31.58
N PHE E 69 18.05 20.33 30.83
CA PHE E 69 18.43 20.67 29.47
C PHE E 69 19.75 21.44 29.42
N GLU E 70 19.82 22.57 30.13
CA GLU E 70 21.03 23.39 30.09
C GLU E 70 22.26 22.58 30.51
N GLU E 71 22.16 21.91 31.67
CA GLU E 71 23.25 21.06 32.15
C GLU E 71 23.72 20.10 31.07
N ALA E 72 22.80 19.49 30.33
CA ALA E 72 23.22 18.56 29.29
C ALA E 72 23.88 19.30 28.14
N PHE E 73 23.38 20.47 27.78
CA PHE E 73 23.90 21.18 26.60
C PHE E 73 25.33 21.57 26.86
N GLU E 74 25.63 21.97 28.08
CA GLU E 74 26.99 22.44 28.43
C GLU E 74 27.96 21.27 28.37
N PHE E 75 27.52 20.07 28.76
CA PHE E 75 28.40 18.88 28.79
C PHE E 75 28.63 18.46 27.37
N ILE E 76 27.63 18.67 26.52
CA ILE E 76 27.76 18.35 25.08
C ILE E 76 28.71 19.38 24.47
N GLU E 77 28.61 20.62 24.94
CA GLU E 77 29.46 21.72 24.43
C GLU E 77 30.91 21.45 24.87
N GLU E 78 31.10 21.03 26.11
CA GLU E 78 32.45 20.72 26.61
C GLU E 78 33.06 19.70 25.67
N ALA E 79 32.31 18.65 25.37
CA ALA E 79 32.86 17.57 24.53
C ALA E 79 33.22 18.16 23.18
N HIS E 80 32.33 18.94 22.59
CA HIS E 80 32.58 19.47 21.22
C HIS E 80 33.77 20.42 21.26
N GLN E 81 33.91 21.17 22.34
CA GLN E 81 34.97 22.20 22.47
C GLN E 81 36.31 21.53 22.75
N CYS E 82 36.33 20.27 23.18
CA CYS E 82 37.56 19.52 23.49
C CYS E 82 37.86 18.55 22.34
N GLY E 83 36.99 18.50 21.35
CA GLY E 83 37.23 17.66 20.16
C GLY E 83 37.00 16.20 20.44
N LYS E 84 36.09 15.89 21.37
CA LYS E 84 35.77 14.49 21.75
C LYS E 84 34.27 14.22 21.56
N GLY E 85 33.89 12.96 21.35
CA GLY E 85 32.50 12.54 21.16
C GLY E 85 31.73 12.48 22.47
N LEU E 86 30.41 12.37 22.42
CA LEU E 86 29.55 12.33 23.64
C LEU E 86 28.39 11.38 23.38
N LEU E 87 28.32 10.28 24.12
CA LEU E 87 27.20 9.35 24.05
C LEU E 87 26.15 9.73 25.10
N ILE E 88 24.90 9.79 24.68
CA ILE E 88 23.77 9.99 25.58
C ILE E 88 22.84 8.78 25.42
N HIS E 89 22.52 8.14 26.54
CA HIS E 89 21.75 6.90 26.51
C HIS E 89 20.80 6.85 27.70
N CYS E 90 19.75 6.04 27.55
CA CYS E 90 18.90 5.65 28.67
C CYS E 90 18.60 4.16 28.55
N GLN E 91 17.38 3.80 28.16
CA GLN E 91 17.02 2.40 27.97
C GLN E 91 16.34 2.17 26.63
N ALA E 92 15.84 0.95 26.41
CA ALA E 92 15.18 0.63 25.15
C ALA E 92 14.03 1.59 24.89
N GLY E 93 13.91 2.04 23.65
CA GLY E 93 12.97 3.07 23.28
C GLY E 93 13.52 4.48 23.32
N VAL E 94 14.62 4.69 24.04
CA VAL E 94 15.39 5.92 24.06
C VAL E 94 14.49 7.15 24.26
N SER E 95 13.40 6.99 24.99
CA SER E 95 12.47 8.11 25.18
C SER E 95 13.15 9.25 25.93
N ARG E 96 13.87 8.94 27.00
CA ARG E 96 14.53 9.98 27.77
C ARG E 96 15.69 10.60 27.01
N SER E 97 16.57 9.76 26.46
CA SER E 97 17.76 10.29 25.78
C SER E 97 17.40 10.99 24.49
N ALA E 98 16.40 10.49 23.77
CA ALA E 98 15.99 11.14 22.53
C ALA E 98 15.43 12.53 22.82
N THR E 99 14.71 12.67 23.92
CA THR E 99 14.18 13.98 24.30
C THR E 99 15.30 14.99 24.48
N ILE E 100 16.40 14.57 25.10
CA ILE E 100 17.51 15.49 25.35
C ILE E 100 18.18 15.87 24.04
N VAL E 101 18.39 14.89 23.15
CA VAL E 101 19.01 15.17 21.86
C VAL E 101 18.16 16.16 21.07
N ILE E 102 16.85 15.89 20.99
CA ILE E 102 15.97 16.76 20.24
C ILE E 102 15.98 18.17 20.81
N ALA E 103 15.98 18.29 22.14
CA ALA E 103 16.06 19.62 22.76
C ALA E 103 17.37 20.31 22.38
N TYR E 104 18.47 19.57 22.33
CA TYR E 104 19.73 20.15 21.91
C TYR E 104 19.68 20.61 20.46
N LEU E 105 19.14 19.77 19.57
CA LEU E 105 19.05 20.15 18.16
C LEU E 105 18.18 21.38 17.97
N MET E 106 17.17 21.57 18.82
CA MET E 106 16.33 22.74 18.72
C MET E 106 17.09 24.00 19.11
N LYS E 107 18.02 23.90 20.06
CA LYS E 107 18.71 25.07 20.58
C LYS E 107 19.88 25.47 19.71
N HIS E 108 20.64 24.51 19.19
CA HIS E 108 21.90 24.80 18.52
C HIS E 108 21.90 24.54 17.01
N THR E 109 20.92 23.80 16.49
CA THR E 109 20.81 23.52 15.06
C THR E 109 19.63 24.26 14.43
N ARG E 110 18.90 25.03 15.23
CA ARG E 110 17.83 25.88 14.70
C ARG E 110 16.70 25.07 14.06
N MET E 111 16.56 23.80 14.42
CA MET E 111 15.44 23.02 13.93
C MET E 111 14.22 23.27 14.83
N THR E 112 13.04 23.09 14.24
CA THR E 112 11.83 23.07 15.04
C THR E 112 11.75 21.75 15.81
N MET E 113 10.82 21.68 16.76
CA MET E 113 10.63 20.43 17.49
C MET E 113 10.31 19.30 16.54
N THR E 114 9.38 19.53 15.60
CA THR E 114 8.99 18.48 14.66
C THR E 114 10.11 18.16 13.70
N ASP E 115 10.87 19.17 13.25
CA ASP E 115 12.00 18.91 12.37
C ASP E 115 13.10 18.12 13.09
N ALA E 116 13.37 18.46 14.35
CA ALA E 116 14.41 17.74 15.08
C ALA E 116 14.00 16.31 15.37
N PHE E 117 12.72 16.08 15.68
CA PHE E 117 12.23 14.71 15.89
C PHE E 117 12.37 13.90 14.61
N LYS E 118 12.01 14.46 13.46
CA LYS E 118 12.17 13.75 12.20
C LYS E 118 13.65 13.51 11.87
N PHE E 119 14.51 14.48 12.21
CA PHE E 119 15.95 14.30 11.98
C PHE E 119 16.49 13.09 12.72
N VAL E 120 16.11 12.93 13.99
CA VAL E 120 16.61 11.80 14.77
C VAL E 120 15.93 10.51 14.33
N LYS E 121 14.64 10.58 13.97
CA LYS E 121 13.92 9.39 13.57
C LYS E 121 14.50 8.78 12.30
N GLY E 122 15.01 9.61 11.40
CA GLY E 122 15.66 9.07 10.22
C GLY E 122 16.91 8.27 10.54
N LYS E 123 17.61 8.63 11.60
CA LYS E 123 18.83 7.93 12.00
C LYS E 123 18.53 6.76 12.93
N ARG E 124 17.62 6.94 13.89
CA ARG E 124 17.19 5.86 14.79
C ARG E 124 15.69 5.71 14.72
N PRO E 125 15.17 4.76 13.93
CA PRO E 125 13.72 4.71 13.71
C PRO E 125 12.91 4.23 14.92
N ILE E 126 13.53 3.60 15.92
CA ILE E 126 12.78 3.01 17.03
C ILE E 126 12.91 3.95 18.22
N ILE E 127 12.00 4.93 18.28
CA ILE E 127 11.87 5.84 19.41
C ILE E 127 10.52 5.60 20.07
N SER E 128 10.53 5.16 21.34
CA SER E 128 9.29 4.96 22.06
C SER E 128 8.70 6.32 22.45
N PRO E 129 7.39 6.52 22.28
CA PRO E 129 6.82 7.85 22.56
C PRO E 129 6.49 8.06 24.03
N ASN E 130 6.48 9.34 24.41
CA ASN E 130 6.14 9.76 25.76
C ASN E 130 5.49 11.13 25.67
N LEU E 131 4.19 11.20 25.93
CA LEU E 131 3.48 12.46 25.73
C LEU E 131 3.93 13.53 26.71
N ASN E 132 4.33 13.14 27.92
CA ASN E 132 4.81 14.13 28.88
C ASN E 132 6.08 14.82 28.38
N PHE E 133 7.04 14.03 27.88
CA PHE E 133 8.27 14.63 27.36
C PHE E 133 7.98 15.47 26.12
N MET E 134 7.10 14.98 25.24
CA MET E 134 6.71 15.77 24.06
C MET E 134 6.12 17.11 24.46
N GLY E 135 5.25 17.12 25.47
CA GLY E 135 4.66 18.37 25.91
C GLY E 135 5.71 19.32 26.47
N GLN E 136 6.72 18.79 27.14
CA GLN E 136 7.81 19.62 27.63
C GLN E 136 8.61 20.18 26.46
N LEU E 137 8.79 19.38 25.40
CA LEU E 137 9.50 19.87 24.23
C LEU E 137 8.71 20.97 23.51
N LEU E 138 7.39 20.85 23.49
CA LEU E 138 6.55 21.91 22.91
C LEU E 138 6.74 23.22 23.64
N GLU E 139 6.55 23.16 24.93
CA GLU E 139 6.74 24.29 25.82
C GLU E 139 8.12 24.88 25.66
N PHE E 140 9.11 24.02 25.53
CA PHE E 140 10.48 24.44 25.30
C PHE E 140 10.59 25.18 23.98
N GLU E 141 9.95 24.66 22.93
CA GLU E 141 9.99 25.32 21.62
C GLU E 141 9.53 26.77 21.72
N GLU E 142 8.48 27.03 22.51
CA GLU E 142 7.97 28.39 22.62
C GLU E 142 8.94 29.28 23.38
N ASP E 143 9.48 28.78 24.50
CA ASP E 143 10.44 29.56 25.27
C ASP E 143 11.63 29.99 24.41
N LEU E 144 12.04 29.17 23.46
CA LEU E 144 13.15 29.56 22.59
C LEU E 144 12.73 30.67 21.64
N ASN E 145 11.54 30.54 21.04
CA ASN E 145 11.09 31.55 20.06
C ASN E 145 10.70 32.85 20.75
N ASN E 146 10.17 32.78 21.96
CA ASN E 146 9.78 33.98 22.69
C ASN E 146 10.95 34.65 23.39
N GLY E 147 12.18 34.16 23.20
CA GLY E 147 13.32 34.77 23.85
C GLY E 147 13.40 34.50 25.33
N VAL E 148 12.72 33.47 25.81
CA VAL E 148 12.71 33.15 27.23
C VAL E 148 13.81 32.15 27.54
N ALA F 2 44.28 1.07 -21.93
CA ALA F 2 43.31 -0.01 -21.79
C ALA F 2 43.99 -1.38 -21.86
N GLU F 3 44.26 -1.97 -20.71
CA GLU F 3 44.89 -3.29 -20.61
C GLU F 3 43.89 -4.24 -19.96
N LEU F 4 43.43 -5.23 -20.73
CA LEU F 4 42.62 -6.33 -20.20
C LEU F 4 43.60 -7.47 -19.99
N THR F 5 44.02 -7.65 -18.75
CA THR F 5 45.10 -8.59 -18.44
C THR F 5 44.68 -10.05 -18.64
N PRO F 6 45.27 -10.77 -19.58
CA PRO F 6 44.99 -12.21 -19.68
C PRO F 6 45.66 -12.96 -18.53
N ILE F 7 44.86 -13.71 -17.78
CA ILE F 7 45.36 -14.55 -16.70
C ILE F 7 45.50 -15.99 -17.16
N LEU F 8 44.45 -16.55 -17.75
CA LEU F 8 44.48 -17.82 -18.46
C LEU F 8 44.08 -17.50 -19.89
N PRO F 9 44.24 -18.42 -20.84
CA PRO F 9 43.86 -18.11 -22.23
C PRO F 9 42.40 -17.69 -22.37
N PHE F 10 41.55 -18.05 -21.40
CA PHE F 10 40.12 -17.75 -21.47
C PHE F 10 39.62 -16.88 -20.33
N LEU F 11 40.50 -16.34 -19.50
CA LEU F 11 40.12 -15.60 -18.31
C LEU F 11 40.90 -14.30 -18.23
N PHE F 12 40.19 -13.19 -18.15
CA PHE F 12 40.77 -11.86 -18.19
C PHE F 12 40.34 -11.07 -16.96
N LEU F 13 41.21 -10.16 -16.53
CA LEU F 13 40.98 -9.34 -15.35
C LEU F 13 41.21 -7.88 -15.73
N GLY F 14 40.34 -7.01 -15.23
CA GLY F 14 40.47 -5.59 -15.51
C GLY F 14 39.70 -4.79 -14.49
N ASN F 15 39.77 -3.47 -14.64
CA ASN F 15 39.04 -2.54 -13.80
C ASN F 15 37.85 -2.01 -14.59
N GLU F 16 37.18 -0.99 -14.07
CA GLU F 16 35.97 -0.49 -14.72
C GLU F 16 36.31 0.16 -16.05
N GLN F 17 37.44 0.86 -16.14
CA GLN F 17 37.81 1.49 -17.40
C GLN F 17 38.18 0.45 -18.45
N ASP F 18 38.74 -0.69 -18.03
CA ASP F 18 39.07 -1.75 -18.99
C ASP F 18 37.81 -2.39 -19.56
N ALA F 19 36.78 -2.55 -18.72
CA ALA F 19 35.56 -3.24 -19.16
C ALA F 19 34.75 -2.43 -20.17
N GLN F 20 35.13 -1.19 -20.44
CA GLN F 20 34.39 -0.33 -21.36
C GLN F 20 34.97 -0.34 -22.77
N ASP F 21 36.09 -1.02 -22.99
CA ASP F 21 36.75 -1.05 -24.29
C ASP F 21 36.15 -2.20 -25.09
N LEU F 22 35.08 -1.90 -25.83
CA LEU F 22 34.39 -2.93 -26.59
C LEU F 22 35.30 -3.54 -27.65
N ASP F 23 36.07 -2.70 -28.37
CA ASP F 23 36.91 -3.21 -29.44
C ASP F 23 37.89 -4.26 -28.91
N THR F 24 38.50 -4.00 -27.76
CA THR F 24 39.44 -4.96 -27.20
C THR F 24 38.76 -6.24 -26.76
N MET F 25 37.52 -6.14 -26.27
CA MET F 25 36.80 -7.34 -25.84
C MET F 25 36.54 -8.28 -27.01
N GLN F 26 36.19 -7.73 -28.17
CA GLN F 26 35.91 -8.56 -29.34
C GLN F 26 37.18 -9.10 -29.98
N ARG F 27 38.27 -8.32 -29.96
CA ARG F 27 39.54 -8.82 -30.48
C ARG F 27 39.99 -10.07 -29.74
N LEU F 28 39.76 -10.13 -28.43
CA LEU F 28 40.21 -11.26 -27.60
C LEU F 28 39.15 -12.33 -27.45
N ASN F 29 38.06 -12.27 -28.21
CA ASN F 29 37.04 -13.32 -28.23
C ASN F 29 36.39 -13.50 -26.85
N ILE F 30 36.10 -12.39 -26.19
CA ILE F 30 35.42 -12.41 -24.90
C ILE F 30 33.91 -12.37 -25.15
N GLY F 31 33.20 -13.37 -24.64
CA GLY F 31 31.76 -13.42 -24.78
C GLY F 31 31.03 -13.49 -23.45
N TYR F 32 31.77 -13.46 -22.36
CA TYR F 32 31.21 -13.57 -21.02
C TYR F 32 31.81 -12.47 -20.14
N VAL F 33 31.00 -11.94 -19.23
CA VAL F 33 31.42 -10.84 -18.36
C VAL F 33 30.88 -11.09 -16.96
N ILE F 34 31.74 -10.93 -15.95
CA ILE F 34 31.35 -10.93 -14.56
C ILE F 34 31.63 -9.54 -14.01
N ASN F 35 30.58 -8.85 -13.55
CA ASN F 35 30.68 -7.52 -12.95
C ASN F 35 30.59 -7.69 -11.44
N VAL F 36 31.70 -7.45 -10.74
CA VAL F 36 31.75 -7.68 -9.31
C VAL F 36 31.56 -6.35 -8.57
N THR F 37 30.51 -5.62 -8.92
CA THR F 37 30.13 -4.40 -8.22
C THR F 37 28.62 -4.36 -8.11
N THR F 38 28.12 -3.56 -7.18
CA THR F 38 26.68 -3.38 -7.04
C THR F 38 26.14 -2.25 -7.90
N HIS F 39 26.98 -1.26 -8.21
CA HIS F 39 26.52 0.02 -8.73
C HIS F 39 26.94 0.34 -10.15
N LEU F 40 27.95 -0.33 -10.70
CA LEU F 40 28.34 -0.02 -12.07
C LEU F 40 27.35 -0.64 -13.05
N PRO F 41 27.20 -0.05 -14.23
CA PRO F 41 26.35 -0.66 -15.26
C PRO F 41 27.01 -1.91 -15.85
N LEU F 42 26.18 -2.76 -16.45
CA LEU F 42 26.67 -3.87 -17.28
C LEU F 42 26.98 -3.28 -18.64
N TYR F 43 28.22 -2.84 -18.82
CA TYR F 43 28.60 -2.14 -20.04
C TYR F 43 28.29 -2.99 -21.28
N HIS F 44 27.69 -2.36 -22.28
CA HIS F 44 27.38 -2.98 -23.58
C HIS F 44 26.23 -3.97 -23.48
N TYR F 45 25.31 -3.76 -22.54
CA TYR F 45 24.21 -4.69 -22.36
C TYR F 45 23.32 -4.72 -23.60
N GLU F 46 22.83 -3.57 -24.03
CA GLU F 46 21.89 -3.51 -25.14
C GLU F 46 22.49 -3.95 -26.47
N LYS F 47 23.81 -4.07 -26.55
CA LYS F 47 24.41 -4.50 -27.80
C LYS F 47 24.18 -5.99 -28.02
N GLY F 48 23.80 -6.72 -26.98
CA GLY F 48 23.39 -8.10 -27.13
C GLY F 48 24.50 -9.05 -27.48
N LEU F 49 25.74 -8.72 -27.15
CA LEU F 49 26.90 -9.49 -27.59
C LEU F 49 27.42 -10.45 -26.55
N PHE F 50 27.26 -10.15 -25.26
CA PHE F 50 27.90 -10.91 -24.21
C PHE F 50 26.89 -11.45 -23.21
N ASN F 51 27.27 -12.51 -22.50
CA ASN F 51 26.46 -13.04 -21.40
C ASN F 51 26.95 -12.28 -20.17
N TYR F 52 26.11 -12.09 -19.15
CA TYR F 52 26.49 -11.29 -17.96
C TYR F 52 26.10 -11.96 -16.68
N LYS F 53 26.89 -11.77 -15.64
CA LYS F 53 26.56 -12.25 -14.28
C LYS F 53 27.09 -11.19 -13.31
N ARG F 54 26.23 -10.60 -12.49
CA ARG F 54 26.66 -9.57 -11.53
C ARG F 54 26.84 -10.20 -10.15
N LEU F 55 27.99 -9.96 -9.52
CA LEU F 55 28.22 -10.32 -8.11
C LEU F 55 28.08 -9.04 -7.31
N PRO F 56 26.89 -8.74 -6.75
CA PRO F 56 26.69 -7.42 -6.12
C PRO F 56 27.47 -7.30 -4.82
N ALA F 57 28.73 -6.88 -4.90
CA ALA F 57 29.62 -6.85 -3.77
C ALA F 57 30.26 -5.47 -3.65
N THR F 58 30.45 -5.04 -2.40
CA THR F 58 31.17 -3.80 -2.11
C THR F 58 32.62 -4.12 -1.73
N ASP F 59 33.47 -3.10 -1.84
CA ASP F 59 34.87 -3.22 -1.44
C ASP F 59 35.02 -2.74 0.01
N SER F 60 34.52 -3.57 0.92
CA SER F 60 34.45 -3.23 2.34
C SER F 60 35.06 -4.36 3.16
N ASN F 61 35.16 -4.12 4.47
CA ASN F 61 35.68 -5.12 5.40
C ASN F 61 34.59 -6.04 5.93
N LYS F 62 33.35 -5.85 5.51
CA LYS F 62 32.24 -6.71 5.89
C LYS F 62 31.62 -7.46 4.72
N GLN F 63 32.03 -7.17 3.49
CA GLN F 63 31.47 -7.84 2.33
C GLN F 63 31.86 -9.31 2.30
N ASN F 64 30.86 -10.18 2.16
CA ASN F 64 31.09 -11.61 1.97
C ASN F 64 31.20 -11.88 0.47
N LEU F 65 32.38 -12.27 0.02
CA LEU F 65 32.57 -12.71 -1.35
C LEU F 65 32.61 -14.22 -1.49
N ARG F 66 32.93 -14.94 -0.42
CA ARG F 66 32.96 -16.40 -0.47
C ARG F 66 31.65 -16.96 -1.03
N GLN F 67 30.53 -16.33 -0.68
CA GLN F 67 29.24 -16.83 -1.13
C GLN F 67 29.13 -16.90 -2.65
N TYR F 68 29.94 -16.12 -3.37
CA TYR F 68 29.86 -16.04 -4.82
C TYR F 68 30.87 -16.94 -5.52
N PHE F 69 31.73 -17.63 -4.77
CA PHE F 69 32.79 -18.43 -5.38
C PHE F 69 32.20 -19.51 -6.28
N GLU F 70 31.35 -20.36 -5.72
CA GLU F 70 30.77 -21.46 -6.51
C GLU F 70 30.05 -20.92 -7.74
N GLU F 71 29.12 -19.99 -7.53
CA GLU F 71 28.38 -19.37 -8.61
C GLU F 71 29.30 -18.80 -9.68
N ALA F 72 30.40 -18.18 -9.27
CA ALA F 72 31.31 -17.60 -10.24
C ALA F 72 32.07 -18.67 -11.02
N PHE F 73 32.49 -19.75 -10.33
CA PHE F 73 33.28 -20.78 -11.00
C PHE F 73 32.48 -21.47 -12.09
N GLU F 74 31.19 -21.75 -11.84
CA GLU F 74 30.38 -22.41 -12.85
C GLU F 74 30.28 -21.54 -14.11
N PHE F 75 30.17 -20.23 -13.92
CA PHE F 75 30.07 -19.32 -15.05
C PHE F 75 31.39 -19.26 -15.83
N ILE F 76 32.52 -19.40 -15.15
CA ILE F 76 33.80 -19.35 -15.86
C ILE F 76 33.99 -20.57 -16.73
N GLU F 77 33.75 -21.77 -16.18
CA GLU F 77 33.94 -22.99 -16.96
C GLU F 77 32.87 -23.13 -18.05
N GLU F 78 31.68 -22.59 -17.79
CA GLU F 78 30.67 -22.54 -18.85
C GLU F 78 31.21 -21.81 -20.07
N ALA F 79 31.94 -20.71 -19.86
CA ALA F 79 32.58 -20.03 -20.97
C ALA F 79 33.73 -20.87 -21.53
N HIS F 80 34.52 -21.50 -20.67
CA HIS F 80 35.64 -22.31 -21.14
C HIS F 80 35.16 -23.49 -21.97
N GLN F 81 34.10 -24.17 -21.51
CA GLN F 81 33.61 -25.35 -22.22
C GLN F 81 33.02 -24.98 -23.57
N CYS F 82 32.67 -23.72 -23.78
CA CYS F 82 32.13 -23.24 -25.05
C CYS F 82 33.15 -22.45 -25.87
N GLY F 83 34.38 -22.35 -25.39
CA GLY F 83 35.45 -21.78 -26.19
C GLY F 83 35.44 -20.28 -26.35
N LYS F 84 34.84 -19.55 -25.42
CA LYS F 84 34.79 -18.09 -25.47
C LYS F 84 35.49 -17.53 -24.25
N GLY F 85 35.99 -16.29 -24.39
CA GLY F 85 36.65 -15.64 -23.29
C GLY F 85 35.70 -14.97 -22.31
N LEU F 86 36.19 -14.79 -21.09
CA LEU F 86 35.43 -14.18 -20.02
C LEU F 86 36.24 -13.07 -19.36
N LEU F 87 35.61 -11.91 -19.19
CA LEU F 87 36.18 -10.81 -18.42
C LEU F 87 35.51 -10.73 -17.06
N ILE F 88 36.31 -10.63 -16.01
CA ILE F 88 35.82 -10.39 -14.66
C ILE F 88 36.46 -9.10 -14.16
N HIS F 89 35.63 -8.15 -13.73
CA HIS F 89 36.11 -6.82 -13.37
C HIS F 89 35.33 -6.27 -12.19
N CYS F 90 35.95 -5.29 -11.51
CA CYS F 90 35.26 -4.46 -10.55
C CYS F 90 35.68 -3.01 -10.79
N GLN F 91 36.50 -2.45 -9.91
CA GLN F 91 36.99 -1.08 -10.08
C GLN F 91 38.50 -1.01 -9.93
N ALA F 92 39.06 0.20 -9.93
CA ALA F 92 40.50 0.37 -9.81
C ALA F 92 41.01 -0.33 -8.56
N GLY F 93 42.14 -1.01 -8.71
CA GLY F 93 42.68 -1.84 -7.66
C GLY F 93 42.25 -3.29 -7.73
N VAL F 94 41.14 -3.58 -8.41
CA VAL F 94 40.70 -4.93 -8.76
C VAL F 94 40.67 -5.84 -7.55
N SER F 95 40.42 -5.27 -6.37
CA SER F 95 40.45 -6.05 -5.15
C SER F 95 39.37 -7.14 -5.18
N ARG F 96 38.15 -6.78 -5.58
CA ARG F 96 37.06 -7.75 -5.61
C ARG F 96 37.29 -8.80 -6.69
N SER F 97 37.56 -8.36 -7.92
CA SER F 97 37.71 -9.29 -9.02
C SER F 97 38.97 -10.13 -8.88
N ALA F 98 40.05 -9.53 -8.36
CA ALA F 98 41.27 -10.30 -8.14
C ALA F 98 41.02 -11.41 -7.13
N THR F 99 40.21 -11.14 -6.10
CA THR F 99 39.86 -12.17 -5.13
C THR F 99 39.17 -13.34 -5.82
N ILE F 100 38.27 -13.05 -6.76
CA ILE F 100 37.55 -14.11 -7.44
C ILE F 100 38.48 -14.91 -8.34
N VAL F 101 39.35 -14.22 -9.09
CA VAL F 101 40.30 -14.90 -9.96
C VAL F 101 41.23 -15.79 -9.13
N ILE F 102 41.77 -15.24 -8.05
CA ILE F 102 42.69 -16.03 -7.22
C ILE F 102 41.99 -17.26 -6.67
N ALA F 103 40.75 -17.10 -6.20
CA ALA F 103 39.99 -18.24 -5.70
C ALA F 103 39.80 -19.29 -6.79
N TYR F 104 39.55 -18.84 -8.02
CA TYR F 104 39.39 -19.78 -9.13
C TYR F 104 40.67 -20.58 -9.37
N LEU F 105 41.81 -19.90 -9.39
CA LEU F 105 43.07 -20.60 -9.56
C LEU F 105 43.32 -21.59 -8.42
N MET F 106 42.85 -21.28 -7.22
CA MET F 106 43.06 -22.21 -6.12
C MET F 106 42.33 -23.53 -6.33
N LYS F 107 41.12 -23.49 -6.88
CA LYS F 107 40.28 -24.70 -6.97
C LYS F 107 40.53 -25.47 -8.25
N HIS F 108 40.87 -24.78 -9.33
CA HIS F 108 40.95 -25.42 -10.66
C HIS F 108 42.37 -25.45 -11.24
N THR F 109 43.31 -24.73 -10.66
CA THR F 109 44.69 -24.64 -11.18
C THR F 109 45.64 -25.27 -10.18
N ARG F 110 45.10 -25.82 -9.10
CA ARG F 110 45.92 -26.52 -8.08
C ARG F 110 47.02 -25.60 -7.53
N MET F 111 46.80 -24.28 -7.55
CA MET F 111 47.76 -23.32 -6.97
C MET F 111 47.36 -23.12 -5.52
N THR F 112 48.30 -22.82 -4.63
CA THR F 112 47.97 -22.47 -3.23
C THR F 112 47.46 -21.05 -3.30
N MET F 113 46.99 -20.48 -2.21
CA MET F 113 46.55 -19.08 -2.17
C MET F 113 47.68 -18.14 -2.58
N THR F 114 48.85 -18.29 -1.96
CA THR F 114 49.95 -17.38 -2.22
C THR F 114 50.52 -17.59 -3.62
N ASP F 115 50.60 -18.84 -4.07
CA ASP F 115 51.05 -19.09 -5.44
C ASP F 115 50.11 -18.42 -6.45
N ALA F 116 48.81 -18.54 -6.23
CA ALA F 116 47.84 -17.90 -7.12
C ALA F 116 47.94 -16.37 -7.03
N PHE F 117 48.15 -15.84 -5.83
CA PHE F 117 48.23 -14.38 -5.68
C PHE F 117 49.42 -13.82 -6.46
N LYS F 118 50.57 -14.49 -6.39
CA LYS F 118 51.75 -14.01 -7.11
C LYS F 118 51.59 -14.24 -8.61
N PHE F 119 50.90 -15.30 -9.01
CA PHE F 119 50.64 -15.52 -10.44
C PHE F 119 49.83 -14.36 -11.01
N VAL F 120 48.81 -13.90 -10.28
CA VAL F 120 48.01 -12.78 -10.75
C VAL F 120 48.79 -11.48 -10.65
N LYS F 121 49.52 -11.30 -9.55
CA LYS F 121 50.28 -10.06 -9.37
C LYS F 121 51.35 -9.91 -10.43
N GLY F 122 51.91 -11.01 -10.92
CA GLY F 122 52.90 -10.92 -11.99
C GLY F 122 52.32 -10.34 -13.26
N LYS F 123 51.05 -10.66 -13.56
CA LYS F 123 50.42 -10.19 -14.79
C LYS F 123 49.72 -8.85 -14.62
N ARG F 124 49.05 -8.64 -13.50
CA ARG F 124 48.46 -7.35 -13.14
C ARG F 124 49.21 -6.87 -11.90
N PRO F 125 50.16 -5.94 -12.03
CA PRO F 125 51.01 -5.62 -10.88
C PRO F 125 50.33 -4.79 -9.80
N ILE F 126 49.22 -4.13 -10.11
CA ILE F 126 48.59 -3.22 -9.16
C ILE F 126 47.30 -3.83 -8.62
N ILE F 127 47.42 -4.60 -7.53
CA ILE F 127 46.27 -5.15 -6.83
C ILE F 127 46.21 -4.51 -5.46
N SER F 128 45.14 -3.77 -5.20
CA SER F 128 44.94 -3.14 -3.90
C SER F 128 44.50 -4.18 -2.87
N PRO F 129 45.05 -4.14 -1.66
CA PRO F 129 44.77 -5.18 -0.68
C PRO F 129 43.47 -4.94 0.08
N ASN F 130 42.92 -6.03 0.60
CA ASN F 130 41.72 -5.99 1.42
C ASN F 130 41.79 -7.16 2.39
N LEU F 131 42.02 -6.88 3.66
CA LEU F 131 42.28 -7.96 4.61
C LEU F 131 41.05 -8.83 4.82
N ASN F 132 39.85 -8.25 4.71
CA ASN F 132 38.64 -9.04 4.85
C ASN F 132 38.58 -10.13 3.78
N PHE F 133 38.91 -9.78 2.54
CA PHE F 133 38.93 -10.77 1.47
C PHE F 133 40.07 -11.77 1.67
N MET F 134 41.25 -11.28 2.07
CA MET F 134 42.38 -12.17 2.32
C MET F 134 42.02 -13.25 3.34
N GLY F 135 41.34 -12.86 4.42
CA GLY F 135 40.93 -13.84 5.41
C GLY F 135 39.94 -14.84 4.85
N GLN F 136 39.05 -14.39 3.98
CA GLN F 136 38.11 -15.30 3.34
C GLN F 136 38.85 -16.27 2.41
N LEU F 137 39.88 -15.78 1.72
CA LEU F 137 40.66 -16.65 0.85
C LEU F 137 41.45 -17.67 1.65
N LEU F 138 41.91 -17.32 2.85
CA LEU F 138 42.58 -18.29 3.69
C LEU F 138 41.61 -19.39 4.13
N GLU F 139 40.43 -19.01 4.61
CA GLU F 139 39.42 -20.01 4.97
C GLU F 139 39.07 -20.90 3.79
N PHE F 140 39.05 -20.34 2.58
CA PHE F 140 38.80 -21.14 1.38
C PHE F 140 39.90 -22.18 1.20
N GLU F 141 41.15 -21.80 1.51
CA GLU F 141 42.25 -22.76 1.46
C GLU F 141 42.04 -23.91 2.43
N GLU F 142 41.63 -23.60 3.66
CA GLU F 142 41.42 -24.66 4.65
C GLU F 142 40.17 -25.47 4.29
N ASP F 143 39.05 -24.79 4.07
CA ASP F 143 37.85 -25.49 3.63
C ASP F 143 38.20 -26.38 2.45
N LEU F 144 39.14 -25.95 1.62
CA LEU F 144 39.58 -26.78 0.49
C LEU F 144 40.70 -27.76 0.83
N ASN F 145 41.93 -27.27 1.13
CA ASN F 145 42.98 -28.22 1.46
C ASN F 145 42.61 -28.98 2.72
N ASN F 146 42.27 -30.26 2.59
CA ASN F 146 42.02 -31.08 3.78
C ASN F 146 42.72 -32.41 3.58
N GLY F 147 43.83 -32.64 4.30
CA GLY F 147 44.59 -33.86 4.16
C GLY F 147 46.09 -33.63 4.01
N VAL F 148 46.50 -32.37 3.93
CA VAL F 148 47.90 -32.04 3.73
C VAL F 148 48.56 -31.76 5.08
C10 CJA G . 0.35 16.89 23.06
C15 CJA G . -3.81 15.33 19.17
C17 CJA G . -4.75 15.00 18.01
C20 CJA G . -3.94 14.34 16.89
C22 CJA G . 0.48 17.42 20.77
C01 CJA G . -1.04 17.36 15.87
C03 CJA G . 0.78 17.77 18.31
C05 CJA G . 3.10 18.57 18.56
C06 CJA G . 2.58 18.25 19.77
C07 CJA G . 3.24 18.36 21.11
C08 CJA G . 2.61 17.44 22.10
C09 CJA G . 1.12 17.25 21.98
C12 CJA G . -1.52 16.90 21.76
C14 CJA G . -3.93 16.68 19.84
C18 CJA G . -5.44 16.24 17.43
C19 CJA G . -5.81 14.03 18.50
C23 CJA G . 1.21 17.78 19.64
N11 CJA G . -0.96 16.72 22.96
N21 CJA G . -0.85 17.24 20.67
O16 CJA G . -3.01 14.53 19.56
S02 CJA G . -0.76 17.30 17.64
S04 CJA G . 2.00 18.31 17.33
S13 CJA G . -3.26 16.70 21.53
H1 CJA G . 0.76 16.77 23.90
H2 CJA G . -4.48 14.33 16.07
H3 CJA G . -3.73 13.42 17.14
H4 CJA G . -3.12 14.84 16.74
H5 CJA G . -0.90 18.26 15.55
H6 CJA G . -1.95 17.10 15.68
H7 CJA G . -0.44 16.76 15.43
H8 CJA G . 3.97 18.90 18.37
H9 CJA G . 3.16 19.29 21.42
H10 CJA G . 4.19 18.15 21.03
H11 CJA G . 2.80 17.78 23.00
H12 CJA G . 3.04 16.57 22.02
H13 CJA G . -4.86 16.94 19.87
H14 CJA G . -3.45 17.34 19.31
H15 CJA G . -4.78 16.92 17.23
H16 CJA G . -6.08 16.58 18.08
H17 CJA G . -5.91 15.99 16.62
H18 CJA G . -6.56 14.52 18.88
H19 CJA G . -5.43 13.45 19.19
H20 CJA G . -6.12 13.47 17.76
C10 CJA H . -47.22 -4.72 -1.55
C15 CJA H . -41.86 -3.88 0.58
C17 CJA H . -40.35 -3.97 0.83
C20 CJA H . -40.06 -5.11 1.80
C22 CJA H . -45.38 -6.15 -2.05
C01 CJA H . -40.52 -7.68 -2.14
C03 CJA H . -43.45 -7.52 -2.89
C05 CJA H . -44.80 -8.69 -4.59
C06 CJA H . -45.56 -7.80 -3.90
C07 CJA H . -47.02 -7.54 -4.07
C08 CJA H . -47.37 -6.16 -3.60
C09 CJA H . -46.66 -5.69 -2.37
C12 CJA H . -45.37 -4.78 -0.21
C14 CJA H . -42.77 -4.63 1.51
C18 CJA H . -39.85 -2.66 1.41
C19 CJA H . -39.64 -4.24 -0.49
C23 CJA H . -44.79 -7.12 -2.87
N11 CJA H . -46.60 -4.29 -0.45
N21 CJA H . -44.77 -5.70 -0.95
O16 CJA H . -42.29 -3.18 -0.32
S02 CJA H . -42.15 -6.98 -1.85
S04 CJA H . -43.23 -8.68 -4.07
S13 CJA H . -44.51 -4.22 1.24
H1 CJA H . -48.06 -4.37 -1.77
H2 CJA H . -40.45 -4.90 2.67
H3 CJA H . -39.10 -5.21 1.89
H4 CJA H . -40.45 -5.93 1.47
H5 CJA H . -40.58 -8.64 -2.11
H6 CJA H . -39.91 -7.37 -1.46
H7 CJA H . -40.20 -7.40 -3.01
H8 CJA H . -45.10 -9.25 -5.29
H9 CJA H . -47.53 -8.20 -3.56
H10 CJA H . -47.26 -7.63 -5.01
H11 CJA H . -48.34 -6.13 -3.43
H12 CJA H . -47.18 -5.53 -4.33
H13 CJA H . -42.53 -4.43 2.43
H14 CJA H . -42.65 -5.59 1.37
H15 CJA H . -39.97 -1.94 0.76
H16 CJA H . -38.91 -2.74 1.64
H17 CJA H . -40.36 -2.44 2.22
H18 CJA H . -38.70 -4.38 -0.33
H19 CJA H . -39.76 -3.47 -1.08
H20 CJA H . -40.03 -5.03 -0.92
C10 CJA I . -4.37 -2.81 -19.34
C15 CJA I . 0.82 -3.72 -16.60
C17 CJA I . 1.88 -4.04 -15.55
C20 CJA I . 1.70 -5.49 -15.09
C22 CJA I . -4.17 -3.37 -17.05
C01 CJA I . -1.80 -4.62 -12.70
C03 CJA I . -4.07 -4.35 -14.72
C05 CJA I . -6.54 -4.46 -14.52
C06 CJA I . -6.18 -3.95 -15.73
C07 CJA I . -7.05 -3.48 -16.84
C08 CJA I . -6.39 -3.74 -18.16
C09 CJA I . -4.95 -3.31 -18.19
C12 CJA I . -2.39 -2.51 -18.22
C14 CJA I . 0.26 -2.33 -16.68
C18 CJA I . 1.78 -3.12 -14.34
C19 CJA I . 3.25 -3.88 -16.19
C23 CJA I . -4.73 -3.87 -15.86
N11 CJA I . -3.10 -2.42 -19.36
N21 CJA I . -2.89 -2.98 -17.08
O16 CJA I . 0.47 -4.57 -17.35
S02 CJA I . -2.37 -4.46 -14.41
S04 CJA I . -5.21 -4.81 -13.60
S13 CJA I . -0.70 -2.01 -18.18
H1 CJA I . -4.88 -2.75 -20.13
H2 CJA I . 2.25 -5.65 -14.30
H3 CJA I . 1.97 -6.10 -15.80
H4 CJA I . 0.76 -5.65 -14.86
H5 CJA I . -2.34 -4.06 -12.13
H6 CJA I . -0.88 -4.35 -12.64
H7 CJA I . -1.89 -5.54 -12.42
H8 CJA I . -7.42 -4.59 -14.19
H9 CJA I . -7.24 -2.52 -16.75
H10 CJA I . -7.91 -3.95 -16.81
H11 CJA I . -6.89 -3.27 -18.86
H12 CJA I . -6.44 -4.69 -18.35
H13 CJA I . 0.99 -1.70 -16.63
H14 CJA I . -0.31 -2.17 -15.90
H15 CJA I . 2.36 -3.45 -13.62
H16 CJA I . 0.86 -3.10 -14.02
H17 CJA I . 2.06 -2.22 -14.58
H18 CJA I . 3.22 -4.24 -17.10
H19 CJA I . 3.92 -4.38 -15.68
H20 CJA I . 3.49 -2.95 -16.22
C10 CJA J . -4.76 -10.81 -18.20
C15 CJA J . -8.70 -10.38 -22.53
C17 CJA J . -9.94 -9.97 -23.31
C20 CJA J . -10.13 -8.46 -23.18
C22 CJA J . -6.85 -9.71 -17.95
C01 CJA J . -11.34 -7.78 -19.38
C03 CJA J . -8.92 -8.29 -17.66
C05 CJA J . -8.23 -7.49 -15.41
C06 CJA J . -7.29 -8.33 -15.93
C07 CJA J . -6.03 -8.78 -15.29
C08 CJA J . -5.01 -9.19 -16.30
C09 CJA J . -5.55 -9.94 -17.49
C12 CJA J . -6.49 -11.22 -19.65
C14 CJA J . -8.76 -11.67 -21.74
C18 CJA J . -11.16 -10.70 -22.78
C19 CJA J . -9.74 -10.32 -24.79
C23 CJA J . -7.68 -8.83 -17.25
N11 CJA J . -5.22 -11.46 -19.26
N21 CJA J . -7.31 -10.37 -19.02
O16 CJA J . -7.70 -9.71 -22.57
S02 CJA J . -9.76 -8.58 -19.16
S04 CJA J . -9.51 -7.28 -16.47
S13 CJA J . -7.12 -12.07 -21.06
H1 CJA J . -3.86 -10.96 -17.93
H2 CJA J . -10.23 -8.23 -22.23
H3 CJA J . -10.94 -8.20 -23.66
H4 CJA J . -9.36 -8.00 -23.55
H5 CJA J . -11.68 -8.01 -20.25
H6 CJA J . -11.23 -6.83 -19.32
H7 CJA J . -11.95 -8.09 -18.70
H8 CJA J . -8.21 -7.06 -14.57
H9 CJA J . -6.23 -9.54 -14.69
H10 CJA J . -5.67 -8.05 -14.73
H11 CJA J . -4.35 -9.75 -15.85
H12 CJA J . -4.56 -8.39 -16.61
H13 CJA J . -9.07 -12.38 -22.31
H14 CJA J . -9.40 -11.57 -21.01
H15 CJA J . -11.05 -11.66 -22.93
H16 CJA J . -11.96 -10.39 -23.23
H17 CJA J . -11.25 -10.53 -21.82
H18 CJA J . -8.97 -9.85 -25.14
H19 CJA J . -10.53 -10.07 -25.29
H20 CJA J . -9.60 -11.29 -24.88
S SO4 K . -12.11 -4.84 -8.67
O1 SO4 K . -13.38 -5.17 -8.04
O2 SO4 K . -12.34 -4.43 -10.05
O3 SO4 K . -11.48 -3.74 -7.94
O4 SO4 K . -11.24 -6.00 -8.65
C10 CJA L . 5.03 10.27 17.29
C15 CJA L . 8.95 11.22 21.71
C17 CJA L . 9.99 11.75 22.72
C20 CJA L . 9.52 13.08 23.29
C22 CJA L . 6.08 12.37 17.66
C01 CJA L . 9.38 15.75 19.68
C03 CJA L . 6.98 14.68 18.11
C05 CJA L . 5.50 15.75 16.47
C06 CJA L . 5.28 14.40 16.51
C07 CJA L . 4.29 13.65 15.67
C08 CJA L . 4.02 12.26 16.19
C09 CJA L . 5.06 11.62 17.07
C12 CJA L . 6.89 10.42 18.61
C14 CJA L . 9.39 10.67 20.39
C18 CJA L . 11.36 11.94 22.07
C19 CJA L . 10.12 10.74 23.85
C23 CJA L . 6.14 13.75 17.47
N11 CJA L . 5.94 9.67 18.05
N21 CJA L . 6.99 11.74 18.44
O16 CJA L . 7.79 11.23 22.01
S02 CJA L . 8.20 14.42 19.33
S04 CJA L . 6.69 16.21 17.54
S13 CJA L . 8.11 9.64 19.63
H1 CJA L . 4.36 9.75 16.89
H2 CJA L . 10.27 13.52 23.72
H3 CJA L . 8.82 12.92 23.95
H4 CJA L . 9.17 13.63 22.57
H5 CJA L . 9.46 16.31 18.90
H6 CJA L . 10.23 15.36 19.89
H7 CJA L . 9.04 16.26 20.43
H8 CJA L . 5.07 16.39 15.93
H9 CJA L . 4.64 13.59 14.75
H10 CJA L . 3.45 14.16 15.62
H11 CJA L . 3.87 11.68 15.42
H12 CJA L . 3.18 12.29 16.68
H13 CJA L . 10.19 10.15 20.52
H14 CJA L . 9.61 11.41 19.80
H15 CJA L . 11.27 12.50 21.28
H16 CJA L . 11.74 11.09 21.83
H17 CJA L . 11.95 12.39 22.71
H18 CJA L . 9.32 10.17 23.89
H19 CJA L . 10.20 11.20 24.70
H20 CJA L . 10.90 10.17 23.71
C10 CJA M . 49.91 -7.99 0.54
C15 CJA M . 44.68 -8.88 -1.85
C17 CJA M . 43.41 -9.58 -2.35
C20 CJA M . 43.76 -10.48 -3.54
C22 CJA M . 48.96 -10.14 0.16
C01 CJA M . 45.21 -13.29 -1.21
C03 CJA M . 47.88 -12.40 0.08
C05 CJA M . 49.69 -13.49 1.39
C06 CJA M . 49.94 -12.15 1.23
C07 CJA M . 51.13 -11.38 1.71
C08 CJA M . 50.79 -9.93 1.87
C09 CJA M . 49.90 -9.34 0.84
C12 CJA M . 48.23 -8.28 -0.98
C14 CJA M . 45.78 -8.67 -2.84
C18 CJA M . 42.39 -8.53 -2.78
C19 CJA M . 42.81 -10.43 -1.23
C23 CJA M . 48.91 -11.51 0.43
N11 CJA M . 49.11 -7.47 -0.37
N21 CJA M . 48.15 -9.59 -0.76
O16 CJA M . 44.74 -8.48 -0.70
S02 CJA M . 46.46 -12.03 -0.86
S04 CJA M . 48.25 -13.92 0.67
S13 CJA M . 47.12 -7.63 -2.21
H1 CJA M . 50.51 -7.43 1.01
H2 CJA M . 42.98 -10.99 -3.79
H3 CJA M . 44.48 -11.09 -3.28
H4 CJA M . 44.05 -9.93 -4.28
H5 CJA M . 44.68 -13.42 -0.42
H6 CJA M . 45.65 -14.11 -1.44
H7 CJA M . 44.66 -12.98 -1.93
H8 CJA M . 50.23 -14.11 1.85
H9 CJA M . 51.85 -11.49 1.07
H10 CJA M . 51.42 -11.76 2.57
H11 CJA M . 51.64 -9.44 1.88
H12 CJA M . 50.38 -9.81 2.75
H13 CJA M . 45.42 -8.26 -3.64
H14 CJA M . 46.14 -9.55 -3.09
H15 CJA M . 41.58 -8.97 -3.11
H16 CJA M . 42.77 -7.99 -3.50
H17 CJA M . 42.17 -7.96 -2.04
H18 CJA M . 42.00 -10.86 -1.55
H19 CJA M . 42.60 -9.86 -0.47
H20 CJA M . 43.46 -11.11 -0.96
S SO4 N . 40.54 -3.74 5.38
O1 SO4 N . 39.73 -4.90 5.00
O2 SO4 N . 40.76 -3.74 6.82
O3 SO4 N . 41.83 -3.79 4.69
O4 SO4 N . 39.83 -2.53 4.99
#